data_2AH0
#
_entry.id   2AH0
#
_cell.length_a   70.717
_cell.length_b   89.660
_cell.length_c   80.823
_cell.angle_alpha   90.00
_cell.angle_beta   90.41
_cell.angle_gamma   90.00
#
_symmetry.space_group_name_H-M   'P 1 21 1'
#
loop_
_entity.id
_entity.type
_entity.pdbx_description
1 polymer 'Aromatic amine dehydrogenase'
2 polymer 'Aromatic amine dehydrogenase'
3 non-polymer 2-(1H-INDOL-3-YL)ETHANIMINE
4 non-polymer (1S)-1-AMINO-2-(1H-INDOL-3-YL)ETHANOL
5 water water
#
loop_
_entity_poly.entity_id
_entity_poly.type
_entity_poly.pdbx_seq_one_letter_code
_entity_poly.pdbx_strand_id
1 'polypeptide(L)'
;AGGGGSSSGADHISLNPDLANEDEVNSCDYWRHCAVDGFLCSCCGGTTTTCPPGSTPSPIS(TRQ)IGTCHNPHDGKDYL
ISYHDCCGKTACGRCQCNTQTRERPGYEFFLHNDVNWCMANENSTFHCTTSVLVGLAKN
;
D,H
2 'polypeptide(L)'
;REVLTGGHSVSAPQENRIYVMDSVFMHLTESRVHVYDYTNGKFLGMVPTAFNGHVQVSNDGKKIYTMTTYHERITRGKRS
DVVEVWDADKLTFEKEISLPPKRVQGLNYDGLFRQTTDGKFIVLQNASPATSIGIVDVAKGDYVEDVTAAAGCWSVIPQP
NRPRSFMTICGDGGLLTINLGEDGKVASQSRSKQMFSVKDDPIFIAPALDKDKAHFVSYYGNVYSADFSGDEVKVDGPWS
LLNDEDKAKNWVPGGYNLVGLHRASGRMYVFMHPDGKEGTHKFPAAEIWVMDTKTKQRVARIPGRDALSMTIDQQRNLML
TLDGGNVNVYDISQPEPKLLRTIEGAAEASLQVQFHPVGGT
;
A,B
#
# COMPACT_ATOMS: atom_id res chain seq x y z
N GLU A 24 -19.11 -21.54 1.53
CA GLU A 24 -18.90 -21.52 0.05
C GLU A 24 -18.98 -20.12 -0.57
N VAL A 25 -19.64 -19.18 0.13
CA VAL A 25 -19.77 -17.79 -0.38
C VAL A 25 -18.44 -17.03 -0.39
N ASN A 26 -17.45 -17.54 0.35
CA ASN A 26 -16.11 -16.89 0.37
C ASN A 26 -15.17 -17.34 -0.77
N SER A 27 -15.66 -18.20 -1.67
CA SER A 27 -14.86 -18.71 -2.77
C SER A 27 -15.19 -17.97 -4.06
N CYS A 28 -14.17 -17.70 -4.86
CA CYS A 28 -14.37 -17.05 -6.14
C CYS A 28 -15.28 -17.83 -7.07
N ASP A 29 -15.33 -19.15 -6.85
CA ASP A 29 -16.14 -20.09 -7.65
C ASP A 29 -17.62 -20.08 -7.33
N TYR A 30 -18.00 -19.43 -6.24
CA TYR A 30 -19.41 -19.40 -5.88
C TYR A 30 -20.21 -18.76 -7.02
N TRP A 31 -21.35 -19.37 -7.36
CA TRP A 31 -22.04 -18.99 -8.57
C TRP A 31 -22.42 -17.51 -8.69
N ARG A 32 -22.79 -16.87 -7.58
CA ARG A 32 -23.26 -15.47 -7.61
C ARG A 32 -22.12 -14.51 -7.92
N HIS A 33 -20.88 -15.00 -7.83
CA HIS A 33 -19.68 -14.11 -7.99
C HIS A 33 -19.13 -14.11 -9.41
N CYS A 34 -19.97 -14.44 -10.39
CA CYS A 34 -19.46 -14.72 -11.74
C CYS A 34 -18.91 -13.50 -12.51
N ALA A 35 -19.19 -12.29 -12.04
CA ALA A 35 -18.53 -11.11 -12.64
C ALA A 35 -17.92 -10.17 -11.60
N VAL A 36 -17.48 -10.74 -10.47
CA VAL A 36 -16.74 -9.95 -9.47
C VAL A 36 -15.29 -9.66 -9.90
N ASP A 37 -14.91 -8.39 -9.85
CA ASP A 37 -13.50 -7.99 -9.95
C ASP A 37 -13.24 -7.15 -8.70
N GLY A 38 -12.68 -7.76 -7.66
CA GLY A 38 -12.47 -7.04 -6.38
C GLY A 38 -12.42 -8.04 -5.24
N PHE A 39 -12.55 -7.54 -4.01
CA PHE A 39 -12.49 -8.39 -2.80
C PHE A 39 -13.89 -8.76 -2.36
N LEU A 40 -14.13 -10.03 -2.06
CA LEU A 40 -15.48 -10.40 -1.62
C LEU A 40 -15.80 -9.79 -0.26
N CYS A 41 -16.85 -8.97 -0.18
CA CYS A 41 -17.24 -8.36 1.12
C CYS A 41 -17.48 -9.37 2.24
N SER A 42 -17.87 -10.59 1.89
CA SER A 42 -18.13 -11.60 2.92
C SER A 42 -16.86 -12.08 3.64
N CYS A 43 -15.69 -11.76 3.07
CA CYS A 43 -14.41 -12.07 3.72
C CYS A 43 -13.85 -10.86 4.47
N CYS A 44 -14.59 -9.76 4.43
CA CYS A 44 -14.11 -8.46 4.87
C CYS A 44 -14.90 -7.93 6.07
N GLY A 45 -15.65 -8.80 6.76
CA GLY A 45 -16.42 -8.34 7.89
C GLY A 45 -17.86 -7.97 7.51
N GLY A 46 -18.21 -8.16 6.22
CA GLY A 46 -19.58 -7.93 5.75
C GLY A 46 -20.20 -9.26 5.34
N THR A 47 -21.23 -9.18 4.50
CA THR A 47 -21.80 -10.40 3.90
C THR A 47 -21.98 -10.16 2.40
N THR A 48 -22.52 -11.14 1.67
CA THR A 48 -22.80 -10.93 0.24
C THR A 48 -23.69 -9.72 -0.06
N THR A 49 -24.49 -9.30 0.93
CA THR A 49 -25.47 -8.22 0.75
C THR A 49 -25.38 -7.10 1.80
N THR A 50 -24.29 -7.07 2.58
CA THR A 50 -24.10 -5.96 3.53
C THR A 50 -22.65 -5.53 3.54
N CYS A 51 -22.45 -4.22 3.66
CA CYS A 51 -21.08 -3.68 3.68
C CYS A 51 -20.47 -3.95 5.05
N PRO A 52 -19.17 -4.19 5.09
CA PRO A 52 -18.47 -4.23 6.36
C PRO A 52 -18.70 -2.93 7.14
N PRO A 53 -18.63 -2.98 8.46
CA PRO A 53 -18.84 -1.78 9.26
C PRO A 53 -17.99 -0.59 8.77
N GLY A 54 -18.63 0.56 8.63
CA GLY A 54 -17.93 1.79 8.31
C GLY A 54 -17.57 1.94 6.84
N SER A 55 -18.08 1.04 5.98
CA SER A 55 -17.96 1.23 4.53
C SER A 55 -19.36 1.44 3.94
N THR A 56 -19.44 2.24 2.88
CA THR A 56 -20.70 2.78 2.37
C THR A 56 -21.04 2.09 1.06
N PRO A 57 -22.28 1.64 0.88
CA PRO A 57 -22.68 1.08 -0.41
C PRO A 57 -22.63 2.08 -1.56
N SER A 58 -22.26 1.59 -2.74
CA SER A 58 -22.42 2.40 -3.95
C SER A 58 -23.85 2.35 -4.44
N PRO A 59 -24.39 3.49 -4.85
CA PRO A 59 -25.77 3.53 -5.38
C PRO A 59 -25.85 2.94 -6.79
N ILE A 60 -24.69 2.84 -7.41
CA ILE A 60 -24.54 2.34 -8.76
C ILE A 60 -23.69 1.07 -8.77
N SER A 61 -23.71 0.31 -9.86
CA SER A 61 -22.99 -0.96 -9.93
C SER A 61 -22.92 -1.44 -11.34
N ILE A 63 -23.54 -5.07 -13.46
CA ILE A 63 -24.50 -6.16 -13.31
C ILE A 63 -23.91 -7.36 -14.03
N GLY A 64 -24.09 -8.54 -13.43
CA GLY A 64 -23.70 -9.76 -14.11
C GLY A 64 -24.90 -10.69 -14.24
N THR A 65 -24.84 -11.59 -15.20
CA THR A 65 -25.86 -12.62 -15.36
C THR A 65 -25.17 -13.94 -15.08
N CYS A 66 -25.59 -14.58 -13.98
CA CYS A 66 -24.89 -15.77 -13.48
C CYS A 66 -25.80 -16.99 -13.50
N HIS A 67 -25.19 -18.13 -13.78
CA HIS A 67 -25.95 -19.38 -13.85
C HIS A 67 -26.02 -20.06 -12.48
N ASN A 68 -27.24 -20.34 -12.03
CA ASN A 68 -27.46 -21.04 -10.78
C ASN A 68 -27.35 -22.55 -11.04
N PRO A 69 -26.37 -23.21 -10.41
CA PRO A 69 -26.07 -24.62 -10.74
C PRO A 69 -27.11 -25.56 -10.12
N HIS A 70 -28.02 -25.02 -9.33
CA HIS A 70 -29.02 -25.83 -8.61
C HIS A 70 -30.29 -25.94 -9.42
N ASP A 71 -30.85 -24.80 -9.79
CA ASP A 71 -32.12 -24.78 -10.53
C ASP A 71 -31.95 -24.59 -12.04
N GLY A 72 -30.71 -24.37 -12.48
CA GLY A 72 -30.37 -24.30 -13.91
C GLY A 72 -30.71 -22.98 -14.61
N LYS A 73 -31.22 -22.03 -13.83
CA LYS A 73 -31.68 -20.72 -14.35
C LYS A 73 -30.61 -19.64 -14.17
N ASP A 74 -30.73 -18.57 -14.95
CA ASP A 74 -29.80 -17.43 -14.89
C ASP A 74 -30.42 -16.31 -14.11
N TYR A 75 -29.60 -15.63 -13.31
CA TYR A 75 -30.05 -14.57 -12.43
C TYR A 75 -29.22 -13.33 -12.63
N LEU A 76 -29.86 -12.19 -12.49
CA LEU A 76 -29.15 -10.92 -12.50
C LEU A 76 -28.58 -10.67 -11.11
N ILE A 77 -27.28 -10.40 -11.07
CA ILE A 77 -26.59 -10.08 -9.83
C ILE A 77 -26.03 -8.66 -9.94
N SER A 78 -26.30 -7.84 -8.94
CA SER A 78 -25.82 -6.47 -8.96
C SER A 78 -24.58 -6.36 -8.06
N TYR A 79 -23.47 -5.90 -8.65
CA TYR A 79 -22.20 -5.82 -7.93
C TYR A 79 -21.94 -4.41 -7.40
N HIS A 80 -22.65 -4.08 -6.34
CA HIS A 80 -22.43 -2.83 -5.64
C HIS A 80 -21.16 -2.97 -4.84
N ASP A 81 -20.37 -1.92 -4.89
CA ASP A 81 -19.18 -1.85 -4.08
C ASP A 81 -19.49 -1.28 -2.70
N CYS A 82 -18.59 -1.56 -1.77
CA CYS A 82 -18.55 -0.88 -0.50
C CYS A 82 -17.34 0.01 -0.50
N CYS A 83 -17.53 1.23 -0.01
CA CYS A 83 -16.63 2.34 -0.34
C CYS A 83 -16.25 3.14 0.91
N GLY A 84 -15.20 3.98 0.78
CA GLY A 84 -14.83 4.88 1.87
C GLY A 84 -13.93 4.29 2.93
N LYS A 85 -13.37 3.11 2.63
CA LYS A 85 -12.30 2.52 3.42
C LYS A 85 -11.30 1.92 2.44
N THR A 86 -10.06 1.82 2.88
CA THR A 86 -9.02 1.30 1.99
C THR A 86 -9.17 -0.18 1.72
N ALA A 87 -8.41 -0.68 0.76
CA ALA A 87 -8.63 -2.03 0.21
C ALA A 87 -8.72 -3.09 1.30
N CYS A 88 -9.78 -3.92 1.25
CA CYS A 88 -9.87 -4.99 2.21
C CYS A 88 -8.73 -6.01 2.10
N GLY A 89 -8.41 -6.39 0.87
CA GLY A 89 -7.24 -7.25 0.62
C GLY A 89 -7.49 -8.73 0.72
N ARG A 90 -8.70 -9.14 1.08
CA ARG A 90 -9.03 -10.55 1.26
C ARG A 90 -9.96 -11.05 0.16
N CYS A 91 -9.75 -12.30 -0.25
CA CYS A 91 -10.63 -12.96 -1.22
C CYS A 91 -10.73 -12.13 -2.50
N GLN A 92 -9.60 -11.77 -3.07
CA GLN A 92 -9.60 -11.11 -4.38
C GLN A 92 -10.10 -12.06 -5.46
N CYS A 93 -11.08 -11.60 -6.23
CA CYS A 93 -11.61 -12.38 -7.36
C CYS A 93 -11.55 -11.58 -8.66
N ASN A 94 -11.43 -12.30 -9.78
CA ASN A 94 -11.42 -11.62 -11.08
C ASN A 94 -12.16 -12.45 -12.11
N THR A 95 -13.47 -12.61 -11.91
CA THR A 95 -14.29 -13.47 -12.78
C THR A 95 -15.05 -12.61 -13.80
N GLN A 96 -15.32 -13.16 -14.98
CA GLN A 96 -15.64 -12.31 -16.13
C GLN A 96 -16.79 -12.86 -16.99
N THR A 97 -17.66 -13.68 -16.38
CA THR A 97 -18.77 -14.26 -17.15
C THR A 97 -19.69 -13.16 -17.63
N ARG A 98 -19.80 -13.06 -18.96
CA ARG A 98 -20.68 -12.10 -19.64
C ARG A 98 -20.29 -10.62 -19.43
N GLU A 99 -19.07 -10.41 -18.92
CA GLU A 99 -18.55 -9.07 -18.75
C GLU A 99 -18.18 -8.47 -20.10
N ARG A 100 -18.43 -7.16 -20.25
CA ARG A 100 -18.17 -6.48 -21.49
C ARG A 100 -17.43 -5.17 -21.25
N PRO A 101 -16.79 -4.62 -22.28
CA PRO A 101 -15.98 -3.41 -22.15
C PRO A 101 -16.79 -2.15 -21.84
N GLY A 102 -16.08 -1.03 -21.67
CA GLY A 102 -16.70 0.21 -21.15
C GLY A 102 -17.78 0.83 -22.04
N TYR A 103 -17.83 0.42 -23.31
CA TYR A 103 -18.88 0.91 -24.20
C TYR A 103 -20.22 0.21 -23.94
N GLU A 104 -20.22 -0.80 -23.06
CA GLU A 104 -21.43 -1.35 -22.45
C GLU A 104 -21.23 -1.17 -20.95
N PHE A 105 -21.34 0.07 -20.50
CA PHE A 105 -20.71 0.48 -19.24
C PHE A 105 -21.19 -0.28 -18.01
N PHE A 106 -22.47 -0.59 -17.92
CA PHE A 106 -22.98 -1.23 -16.73
C PHE A 106 -22.80 -2.75 -16.71
N LEU A 107 -22.15 -3.26 -17.75
CA LEU A 107 -21.71 -4.65 -17.79
C LEU A 107 -20.21 -4.80 -17.55
N HIS A 108 -19.55 -3.68 -17.21
CA HIS A 108 -18.10 -3.60 -17.25
C HIS A 108 -17.53 -3.58 -15.84
N ASN A 109 -16.49 -4.39 -15.59
CA ASN A 109 -15.97 -4.50 -14.21
C ASN A 109 -14.50 -4.07 -14.00
N ASP A 110 -13.92 -3.38 -14.98
CA ASP A 110 -12.56 -2.84 -14.82
C ASP A 110 -12.58 -1.39 -14.37
N VAL A 111 -13.73 -0.93 -13.89
CA VAL A 111 -13.83 0.43 -13.30
C VAL A 111 -14.31 0.33 -11.85
N ASN A 112 -14.04 1.38 -11.10
CA ASN A 112 -14.39 1.46 -9.69
C ASN A 112 -15.85 1.87 -9.54
N TRP A 113 -16.72 0.94 -9.16
CA TRP A 113 -18.12 1.32 -9.01
C TRP A 113 -18.40 2.19 -7.77
N CYS A 114 -17.34 2.49 -7.00
CA CYS A 114 -17.38 3.53 -5.96
C CYS A 114 -17.20 4.94 -6.55
N MET A 115 -17.10 5.06 -7.87
CA MET A 115 -16.65 6.33 -8.50
C MET A 115 -17.49 7.56 -8.16
N ALA A 116 -18.75 7.33 -7.83
CA ALA A 116 -19.68 8.45 -7.57
C ALA A 116 -19.99 8.62 -6.08
N ASN A 117 -19.35 7.83 -5.22
CA ASN A 117 -19.57 7.94 -3.78
C ASN A 117 -18.93 9.18 -3.20
N GLU A 118 -19.41 9.62 -2.04
CA GLU A 118 -18.79 10.76 -1.36
C GLU A 118 -17.30 10.52 -1.14
N ASN A 119 -16.94 9.30 -0.78
CA ASN A 119 -15.53 8.91 -0.85
C ASN A 119 -15.40 7.69 -1.75
N SER A 120 -14.56 7.83 -2.79
CA SER A 120 -14.51 6.82 -3.85
C SER A 120 -13.47 5.71 -3.53
N THR A 121 -12.84 5.72 -2.36
CA THR A 121 -11.87 4.64 -2.08
C THR A 121 -12.57 3.30 -2.07
N PHE A 122 -11.98 2.33 -2.76
CA PHE A 122 -12.65 1.03 -2.93
C PHE A 122 -12.29 0.07 -1.80
N HIS A 123 -13.33 -0.49 -1.17
CA HIS A 123 -13.11 -1.39 -0.04
C HIS A 123 -13.33 -2.87 -0.41
N CYS A 124 -14.52 -3.18 -0.93
CA CYS A 124 -14.85 -4.57 -1.32
C CYS A 124 -16.10 -4.57 -2.21
N THR A 125 -16.41 -5.74 -2.79
CA THR A 125 -17.54 -5.88 -3.72
C THR A 125 -18.57 -6.84 -3.11
N THR A 126 -19.84 -6.43 -3.16
CA THR A 126 -20.98 -7.32 -2.82
C THR A 126 -21.59 -7.93 -4.10
N SER A 127 -22.36 -8.99 -3.90
CA SER A 127 -22.98 -9.73 -5.00
C SER A 127 -24.46 -9.89 -4.71
N VAL A 128 -25.24 -8.87 -5.07
CA VAL A 128 -26.64 -8.76 -4.63
C VAL A 128 -27.57 -9.37 -5.66
N LEU A 129 -28.32 -10.39 -5.25
CA LEU A 129 -29.28 -11.05 -6.16
C LEU A 129 -30.48 -10.14 -6.45
N VAL A 130 -30.66 -9.82 -7.73
CA VAL A 130 -31.79 -8.99 -8.16
C VAL A 130 -33.01 -9.88 -8.48
N GLY A 131 -32.82 -10.86 -9.36
CA GLY A 131 -33.90 -11.77 -9.74
C GLY A 131 -33.55 -12.49 -11.03
N LEU A 132 -34.53 -13.17 -11.62
CA LEU A 132 -34.28 -14.00 -12.78
C LEU A 132 -33.76 -13.23 -13.99
N GLU B 24 27.63 -5.92 -4.25
CA GLU B 24 28.06 -5.92 -2.82
C GLU B 24 27.32 -4.85 -2.01
N VAL B 25 27.28 -3.62 -2.53
CA VAL B 25 26.65 -2.53 -1.76
C VAL B 25 25.15 -2.70 -1.66
N ASN B 26 24.59 -3.55 -2.53
CA ASN B 26 23.13 -3.71 -2.55
C ASN B 26 22.69 -4.82 -1.60
N SER B 27 23.63 -5.33 -0.82
CA SER B 27 23.36 -6.42 0.11
C SER B 27 23.25 -5.89 1.52
N CYS B 28 22.29 -6.41 2.28
CA CYS B 28 22.14 -6.03 3.69
C CYS B 28 23.39 -6.31 4.52
N ASP B 29 24.22 -7.23 4.01
CA ASP B 29 25.44 -7.69 4.70
C ASP B 29 26.61 -6.75 4.49
N TYR B 30 26.51 -5.85 3.51
CA TYR B 30 27.61 -4.91 3.24
C TYR B 30 27.99 -4.18 4.52
N TRP B 31 29.29 -4.06 4.79
CA TRP B 31 29.75 -3.64 6.11
C TRP B 31 29.13 -2.33 6.63
N ARG B 32 28.95 -1.34 5.77
CA ARG B 32 28.54 -0.05 6.28
C ARG B 32 27.03 0.03 6.50
N HIS B 33 26.32 -1.04 6.15
CA HIS B 33 24.84 -1.06 6.37
C HIS B 33 24.48 -1.67 7.71
N CYS B 34 25.38 -1.62 8.69
CA CYS B 34 25.22 -2.42 9.91
C CYS B 34 24.09 -1.97 10.87
N ALA B 35 23.59 -0.75 10.68
CA ALA B 35 22.42 -0.29 11.46
C ALA B 35 21.29 0.27 10.56
N VAL B 36 21.14 -0.29 9.36
CA VAL B 36 20.06 0.14 8.46
C VAL B 36 18.75 -0.56 8.81
N ASP B 37 17.69 0.24 9.03
CA ASP B 37 16.31 -0.25 9.08
C ASP B 37 15.60 0.53 7.97
N GLY B 38 15.42 -0.10 6.82
CA GLY B 38 14.80 0.57 5.69
C GLY B 38 15.19 -0.05 4.38
N PHE B 39 14.94 0.67 3.28
CA PHE B 39 15.27 0.19 1.92
C PHE B 39 16.57 0.85 1.49
N LEU B 40 17.53 0.05 0.99
CA LEU B 40 18.80 0.68 0.55
C LEU B 40 18.59 1.58 -0.65
N CYS B 41 18.98 2.86 -0.53
CA CYS B 41 18.82 3.81 -1.63
C CYS B 41 19.55 3.39 -2.93
N SER B 42 20.65 2.65 -2.79
CA SER B 42 21.37 2.15 -3.96
C SER B 42 20.59 1.17 -4.81
N CYS B 43 19.49 0.63 -4.26
CA CYS B 43 18.58 -0.24 -5.03
C CYS B 43 17.35 0.50 -5.54
N CYS B 44 17.33 1.82 -5.29
CA CYS B 44 16.13 2.62 -5.45
C CYS B 44 16.34 3.75 -6.47
N GLY B 45 17.38 3.61 -7.30
CA GLY B 45 17.72 4.67 -8.27
C GLY B 45 18.70 5.71 -7.75
N GLY B 46 19.17 5.54 -6.52
CA GLY B 46 20.18 6.40 -5.94
C GLY B 46 21.48 5.63 -5.76
N THR B 47 22.30 6.08 -4.81
CA THR B 47 23.51 5.34 -4.39
C THR B 47 23.62 5.38 -2.87
N THR B 48 24.71 4.82 -2.36
CA THR B 48 24.98 4.84 -0.92
C THR B 48 24.97 6.26 -0.30
N THR B 49 25.28 7.27 -1.13
CA THR B 49 25.43 8.63 -0.65
C THR B 49 24.60 9.66 -1.44
N THR B 50 23.67 9.19 -2.28
CA THR B 50 22.80 10.13 -3.00
C THR B 50 21.38 9.62 -3.03
N CYS B 51 20.46 10.56 -2.87
CA CYS B 51 19.05 10.20 -2.91
C CYS B 51 18.61 9.94 -4.34
N PRO B 52 17.71 8.98 -4.54
CA PRO B 52 17.08 8.80 -5.84
C PRO B 52 16.45 10.10 -6.30
N PRO B 53 16.31 10.29 -7.61
CA PRO B 53 15.77 11.54 -8.14
C PRO B 53 14.41 11.85 -7.46
N GLY B 54 14.25 13.10 -7.08
CA GLY B 54 12.97 13.60 -6.56
C GLY B 54 12.69 13.23 -5.13
N SER B 55 13.67 12.67 -4.44
CA SER B 55 13.58 12.43 -2.99
C SER B 55 14.63 13.28 -2.27
N THR B 56 14.30 13.72 -1.06
CA THR B 56 15.01 14.81 -0.36
C THR B 56 15.79 14.23 0.83
N PRO B 57 17.07 14.54 0.99
CA PRO B 57 17.80 14.04 2.17
C PRO B 57 17.28 14.58 3.50
N SER B 58 17.31 13.74 4.55
CA SER B 58 17.04 14.25 5.90
C SER B 58 18.27 14.98 6.46
N PRO B 59 18.04 16.10 7.15
CA PRO B 59 19.13 16.83 7.78
C PRO B 59 19.60 16.14 9.06
N ILE B 60 18.79 15.21 9.57
CA ILE B 60 19.07 14.48 10.80
C ILE B 60 19.11 12.99 10.48
N SER B 61 19.67 12.18 11.36
CA SER B 61 19.86 10.75 11.11
C SER B 61 20.16 10.03 12.40
N ILE B 63 22.92 7.19 13.83
CA ILE B 63 24.33 6.90 13.59
C ILE B 63 24.60 5.47 13.99
N GLY B 64 25.40 4.77 13.19
CA GLY B 64 25.88 3.44 13.54
C GLY B 64 27.40 3.44 13.61
N THR B 65 27.96 2.52 14.37
CA THR B 65 29.40 2.29 14.31
C THR B 65 29.58 0.95 13.67
N CYS B 66 30.25 0.91 12.52
CA CYS B 66 30.39 -0.31 11.75
C CYS B 66 31.85 -0.69 11.53
N HIS B 67 32.12 -1.98 11.55
CA HIS B 67 33.47 -2.49 11.34
C HIS B 67 33.74 -2.78 9.87
N ASN B 68 34.85 -2.26 9.37
CA ASN B 68 35.25 -2.50 7.98
C ASN B 68 36.25 -3.65 7.93
N PRO B 69 35.85 -4.78 7.38
CA PRO B 69 36.69 -5.98 7.37
C PRO B 69 37.91 -5.82 6.47
N HIS B 70 37.82 -4.91 5.51
CA HIS B 70 38.90 -4.69 4.55
C HIS B 70 40.12 -4.08 5.23
N ASP B 71 39.93 -2.96 5.92
CA ASP B 71 41.04 -2.28 6.55
C ASP B 71 41.07 -2.47 8.07
N GLY B 72 40.11 -3.22 8.59
CA GLY B 72 40.11 -3.59 10.01
C GLY B 72 39.74 -2.50 10.99
N LYS B 73 39.30 -1.34 10.49
CA LYS B 73 38.96 -0.19 11.34
C LYS B 73 37.43 0.01 11.51
N ASP B 74 37.04 0.68 12.60
CA ASP B 74 35.63 0.98 12.86
C ASP B 74 35.31 2.40 12.42
N TYR B 75 34.13 2.57 11.82
CA TYR B 75 33.72 3.85 11.25
C TYR B 75 32.34 4.28 11.73
N LEU B 76 32.18 5.57 11.95
CA LEU B 76 30.86 6.19 12.18
C LEU B 76 30.17 6.29 10.84
N ILE B 77 28.96 5.73 10.75
CA ILE B 77 28.10 5.83 9.57
C ILE B 77 26.82 6.59 9.91
N SER B 78 26.51 7.57 9.08
CA SER B 78 25.29 8.36 9.28
C SER B 78 24.20 7.84 8.35
N TYR B 79 23.06 7.45 8.92
CA TYR B 79 21.97 6.89 8.14
C TYR B 79 20.90 7.92 7.88
N HIS B 80 21.18 8.82 6.94
CA HIS B 80 20.19 9.80 6.51
C HIS B 80 19.16 9.12 5.66
N ASP B 81 17.91 9.51 5.84
CA ASP B 81 16.91 9.00 4.93
C ASP B 81 16.75 9.92 3.73
N CYS B 82 16.13 9.37 2.69
CA CYS B 82 15.62 10.16 1.59
C CYS B 82 14.10 10.15 1.68
N CYS B 83 13.49 11.33 1.47
CA CYS B 83 12.14 11.62 1.93
C CYS B 83 11.27 12.25 0.83
N GLY B 84 9.95 12.26 1.05
CA GLY B 84 9.05 12.93 0.12
C GLY B 84 8.63 12.13 -1.08
N LYS B 85 8.85 10.83 -1.03
CA LYS B 85 8.32 9.90 -2.02
C LYS B 85 7.95 8.65 -1.24
N THR B 86 6.95 7.94 -1.75
CA THR B 86 6.48 6.76 -1.06
C THR B 86 7.52 5.61 -1.09
N ALA B 87 7.27 4.58 -0.30
CA ALA B 87 8.27 3.54 -0.03
C ALA B 87 8.88 2.96 -1.29
N CYS B 88 10.21 2.92 -1.34
CA CYS B 88 10.87 2.32 -2.50
C CYS B 88 10.55 0.84 -2.66
N GLY B 89 10.59 0.11 -1.55
CA GLY B 89 10.17 -1.29 -1.56
C GLY B 89 11.23 -2.30 -1.95
N ARG B 90 12.43 -1.82 -2.26
CA ARG B 90 13.51 -2.70 -2.71
C ARG B 90 14.61 -2.76 -1.68
N CYS B 91 15.22 -3.95 -1.55
CA CYS B 91 16.37 -4.12 -0.64
C CYS B 91 16.08 -3.65 0.78
N GLN B 92 15.00 -4.19 1.35
CA GLN B 92 14.69 -3.92 2.73
C GLN B 92 15.71 -4.62 3.63
N CYS B 93 16.25 -3.85 4.57
CA CYS B 93 17.21 -4.33 5.56
C CYS B 93 16.76 -4.00 6.96
N ASN B 94 17.17 -4.81 7.92
CA ASN B 94 16.85 -4.54 9.33
C ASN B 94 18.01 -4.93 10.26
N THR B 95 19.16 -4.30 10.06
CA THR B 95 20.36 -4.71 10.79
C THR B 95 20.53 -3.78 12.00
N GLN B 96 21.09 -4.33 13.09
CA GLN B 96 20.93 -3.70 14.40
C GLN B 96 22.22 -3.56 15.23
N THR B 97 23.38 -3.63 14.55
CA THR B 97 24.65 -3.53 15.27
C THR B 97 24.80 -2.21 16.01
N ARG B 98 24.99 -2.32 17.34
CA ARG B 98 25.12 -1.18 18.25
C ARG B 98 23.89 -0.23 18.34
N GLU B 99 22.77 -0.69 17.75
CA GLU B 99 21.54 0.09 17.81
C GLU B 99 20.94 0.04 19.22
N ARG B 100 20.42 1.19 19.66
CA ARG B 100 19.89 1.31 20.99
C ARG B 100 18.49 1.96 20.97
N PRO B 101 17.73 1.79 22.06
CA PRO B 101 16.35 2.30 22.08
C PRO B 101 16.24 3.80 22.13
N GLY B 102 15.00 4.30 22.13
CA GLY B 102 14.78 5.69 21.92
C GLY B 102 15.27 6.62 22.99
N TYR B 103 15.62 6.08 24.17
CA TYR B 103 16.23 6.94 25.21
C TYR B 103 17.73 7.21 24.90
N GLU B 104 18.23 6.61 23.82
CA GLU B 104 19.54 7.00 23.17
C GLU B 104 19.18 7.33 21.72
N PHE B 105 18.50 8.44 21.54
CA PHE B 105 17.66 8.64 20.36
C PHE B 105 18.45 8.59 19.05
N PHE B 106 19.65 9.16 19.04
CA PHE B 106 20.38 9.20 17.78
C PHE B 106 21.14 7.90 17.45
N LEU B 107 20.96 6.88 18.28
CA LEU B 107 21.47 5.53 17.99
C LEU B 107 20.31 4.59 17.62
N HIS B 108 19.11 5.17 17.49
CA HIS B 108 17.87 4.37 17.40
C HIS B 108 17.34 4.33 15.97
N ASN B 109 16.97 3.15 15.50
CA ASN B 109 16.53 3.04 14.10
C ASN B 109 15.08 2.56 13.87
N ASP B 110 14.26 2.60 14.92
CA ASP B 110 12.82 2.24 14.77
C ASP B 110 11.96 3.49 14.66
N VAL B 111 12.59 4.62 14.38
CA VAL B 111 11.87 5.86 14.07
C VAL B 111 12.21 6.32 12.65
N ASN B 112 11.33 7.15 12.11
CA ASN B 112 11.48 7.71 10.77
C ASN B 112 12.42 8.91 10.82
N TRP B 113 13.63 8.77 10.29
CA TRP B 113 14.51 9.91 10.33
C TRP B 113 14.16 10.98 9.28
N CYS B 114 13.11 10.75 8.49
CA CYS B 114 12.42 11.81 7.72
C CYS B 114 11.50 12.71 8.54
N MET B 115 11.41 12.46 9.86
CA MET B 115 10.33 13.04 10.72
C MET B 115 10.30 14.58 10.72
N ALA B 116 11.44 15.20 10.42
CA ALA B 116 11.55 16.67 10.42
C ALA B 116 11.65 17.32 9.03
N ASN B 117 11.56 16.51 7.97
CA ASN B 117 11.56 17.04 6.59
C ASN B 117 10.26 17.76 6.22
N GLU B 118 10.32 18.57 5.16
CA GLU B 118 9.12 19.25 4.65
C GLU B 118 8.03 18.22 4.32
N ASN B 119 8.44 17.11 3.71
CA ASN B 119 7.54 15.95 3.65
C ASN B 119 8.19 14.74 4.28
N SER B 120 7.52 14.18 5.27
CA SER B 120 8.06 13.10 6.07
C SER B 120 7.86 11.68 5.49
N THR B 121 7.24 11.55 4.32
CA THR B 121 7.06 10.20 3.75
C THR B 121 8.42 9.56 3.55
N PHE B 122 8.58 8.33 4.03
CA PHE B 122 9.88 7.66 3.96
C PHE B 122 10.09 6.93 2.63
N HIS B 123 11.22 7.21 1.96
CA HIS B 123 11.48 6.59 0.66
C HIS B 123 12.56 5.49 0.72
N CYS B 124 13.73 5.87 1.25
CA CYS B 124 14.84 4.90 1.38
C CYS B 124 15.89 5.45 2.35
N THR B 125 16.88 4.61 2.72
CA THR B 125 17.91 4.98 3.68
C THR B 125 19.27 4.95 2.98
N THR B 126 20.09 5.97 3.25
CA THR B 126 21.51 6.00 2.79
C THR B 126 22.44 5.63 3.93
N SER B 127 23.69 5.33 3.57
CA SER B 127 24.71 4.93 4.56
C SER B 127 25.97 5.76 4.32
N VAL B 128 26.06 6.90 5.00
CA VAL B 128 27.08 7.90 4.67
C VAL B 128 28.25 7.78 5.66
N LEU B 129 29.45 7.55 5.13
CA LEU B 129 30.62 7.44 5.99
C LEU B 129 31.02 8.79 6.56
N VAL B 130 31.09 8.88 7.89
CA VAL B 130 31.45 10.12 8.59
C VAL B 130 32.95 10.17 8.84
N GLY B 131 33.47 9.11 9.45
CA GLY B 131 34.89 9.05 9.84
C GLY B 131 35.15 7.87 10.77
N LEU B 132 36.38 7.80 11.28
CA LEU B 132 36.79 6.72 12.18
C LEU B 132 36.01 6.73 13.50
N ARG C 1 -36.52 -9.28 -3.67
CA ARG C 1 -35.21 -8.74 -4.15
C ARG C 1 -34.32 -8.34 -2.97
N GLU C 2 -33.04 -8.71 -3.03
CA GLU C 2 -32.08 -8.34 -1.99
C GLU C 2 -31.71 -6.86 -2.08
N VAL C 3 -31.33 -6.27 -0.95
CA VAL C 3 -30.91 -4.87 -0.93
C VAL C 3 -29.64 -4.73 -0.08
N LEU C 4 -28.61 -4.12 -0.66
CA LEU C 4 -27.38 -3.83 0.08
C LEU C 4 -27.59 -2.67 1.04
N THR C 5 -27.18 -2.88 2.29
CA THR C 5 -27.23 -1.85 3.31
C THR C 5 -25.86 -1.64 3.94
N GLY C 6 -25.67 -0.42 4.43
CA GLY C 6 -24.53 -0.07 5.29
C GLY C 6 -25.03 0.26 6.69
N GLY C 7 -24.18 0.81 7.52
CA GLY C 7 -24.56 1.23 8.85
C GLY C 7 -24.50 0.16 9.93
N HIS C 8 -23.89 -0.99 9.60
CA HIS C 8 -23.91 -2.16 10.48
C HIS C 8 -22.79 -2.14 11.50
N SER C 9 -22.99 -2.83 12.60
CA SER C 9 -21.98 -2.94 13.66
C SER C 9 -21.19 -4.21 13.48
N VAL C 10 -20.03 -4.26 14.16
CA VAL C 10 -19.20 -5.45 14.14
C VAL C 10 -19.99 -6.62 14.67
N SER C 11 -19.83 -7.76 14.00
CA SER C 11 -20.73 -8.91 14.19
C SER C 11 -20.46 -9.74 15.44
N ALA C 12 -19.28 -9.61 16.05
CA ALA C 12 -18.89 -10.39 17.23
C ALA C 12 -18.84 -9.48 18.43
N PRO C 13 -19.07 -10.00 19.64
CA PRO C 13 -19.06 -9.19 20.83
C PRO C 13 -17.68 -8.59 21.09
N GLN C 14 -17.65 -7.44 21.75
CA GLN C 14 -16.39 -6.75 22.07
C GLN C 14 -15.35 -7.68 22.70
N GLU C 15 -15.80 -8.56 23.58
CA GLU C 15 -14.90 -9.43 24.34
C GLU C 15 -14.13 -10.42 23.44
N ASN C 16 -14.57 -10.59 22.18
CA ASN C 16 -13.93 -11.50 21.26
C ASN C 16 -12.88 -10.78 20.39
N ARG C 17 -12.80 -9.45 20.48
CA ARG C 17 -12.10 -8.66 19.45
C ARG C 17 -10.65 -8.41 19.83
N ILE C 18 -9.80 -8.48 18.81
CA ILE C 18 -8.39 -8.05 18.89
C ILE C 18 -8.09 -7.12 17.72
N TYR C 19 -7.00 -6.35 17.89
CA TYR C 19 -6.65 -5.26 16.97
C TYR C 19 -5.22 -5.46 16.54
N VAL C 20 -5.05 -5.74 15.26
CA VAL C 20 -3.72 -6.00 14.69
C VAL C 20 -3.32 -4.76 13.92
N MET C 21 -2.29 -4.06 14.42
CA MET C 21 -1.89 -2.80 13.79
C MET C 21 -0.94 -3.12 12.64
N ASP C 22 -1.47 -3.01 11.41
CA ASP C 22 -0.68 -3.38 10.26
C ASP C 22 0.00 -2.12 9.71
N SER C 23 1.33 -2.03 9.88
CA SER C 23 2.04 -0.87 9.37
C SER C 23 2.04 -0.85 7.85
N VAL C 24 1.95 -2.02 7.22
CA VAL C 24 2.09 -2.11 5.75
C VAL C 24 3.33 -1.31 5.31
N PHE C 25 4.45 -1.67 5.90
CA PHE C 25 5.66 -0.88 5.68
C PHE C 25 6.01 -0.73 4.18
N MET C 26 5.72 -1.74 3.39
CA MET C 26 5.96 -1.65 1.93
C MET C 26 5.15 -0.54 1.26
N HIS C 27 4.03 -0.17 1.88
CA HIS C 27 3.16 0.88 1.41
C HIS C 27 2.64 1.64 2.63
N LEU C 28 3.57 2.29 3.33
CA LEU C 28 3.32 2.79 4.65
C LEU C 28 2.26 3.90 4.74
N THR C 29 1.94 4.53 3.61
CA THR C 29 0.86 5.50 3.60
C THR C 29 -0.53 4.87 3.68
N GLU C 30 -0.60 3.54 3.63
CA GLU C 30 -1.90 2.84 3.74
C GLU C 30 -1.89 1.84 4.88
N SER C 31 -1.29 2.23 5.99
CA SER C 31 -1.34 1.45 7.24
C SER C 31 -2.80 1.36 7.70
N ARG C 32 -3.10 0.32 8.47
CA ARG C 32 -4.50 0.16 8.97
C ARG C 32 -4.52 -0.74 10.15
N VAL C 33 -5.66 -0.72 10.88
CA VAL C 33 -5.90 -1.66 11.95
C VAL C 33 -6.86 -2.72 11.44
N HIS C 34 -6.46 -3.98 11.57
CA HIS C 34 -7.35 -5.12 11.26
C HIS C 34 -7.95 -5.66 12.54
N VAL C 35 -9.29 -5.78 12.54
CA VAL C 35 -10.02 -6.25 13.73
C VAL C 35 -10.42 -7.71 13.50
N TYR C 36 -10.01 -8.55 14.44
CA TYR C 36 -10.24 -10.00 14.33
C TYR C 36 -10.97 -10.52 15.55
N ASP C 37 -11.67 -11.63 15.34
CA ASP C 37 -12.25 -12.42 16.46
C ASP C 37 -11.23 -13.48 16.86
N TYR C 38 -10.65 -13.37 18.06
CA TYR C 38 -9.60 -14.30 18.45
C TYR C 38 -10.08 -15.73 18.67
N THR C 39 -11.39 -15.87 18.87
CA THR C 39 -11.97 -17.21 19.17
C THR C 39 -12.04 -18.11 17.96
N ASN C 40 -12.15 -17.51 16.78
CA ASN C 40 -12.31 -18.29 15.57
C ASN C 40 -11.51 -17.77 14.37
N GLY C 41 -10.73 -16.69 14.57
CA GLY C 41 -9.92 -16.17 13.44
C GLY C 41 -10.66 -15.36 12.39
N LYS C 42 -11.94 -15.06 12.63
CA LYS C 42 -12.72 -14.32 11.64
C LYS C 42 -12.30 -12.83 11.58
N PHE C 43 -12.13 -12.34 10.35
CA PHE C 43 -11.93 -10.92 10.09
C PHE C 43 -13.23 -10.15 10.26
N LEU C 44 -13.20 -9.14 11.15
CA LEU C 44 -14.40 -8.41 11.52
C LEU C 44 -14.50 -7.03 10.87
N GLY C 45 -13.38 -6.44 10.48
CA GLY C 45 -13.43 -5.12 9.91
C GLY C 45 -12.08 -4.45 10.09
N MET C 46 -12.02 -3.16 9.75
CA MET C 46 -10.72 -2.46 9.78
C MET C 46 -10.92 -0.98 9.90
N VAL C 47 -9.85 -0.31 10.34
CA VAL C 47 -9.81 1.15 10.44
C VAL C 47 -8.59 1.66 9.66
N PRO C 48 -8.81 2.48 8.63
CA PRO C 48 -7.67 3.05 7.87
C PRO C 48 -6.93 4.08 8.69
N THR C 49 -5.60 4.00 8.67
CA THR C 49 -4.74 4.93 9.48
C THR C 49 -3.62 5.64 8.70
N ALA C 50 -3.77 5.78 7.38
CA ALA C 50 -2.90 6.64 6.59
C ALA C 50 -1.42 6.31 6.85
N PHE C 51 -0.58 7.35 7.05
CA PHE C 51 0.84 7.08 7.15
C PHE C 51 1.27 6.64 8.55
N ASN C 52 1.76 5.39 8.67
CA ASN C 52 2.35 4.92 9.93
C ASN C 52 1.42 5.22 11.10
N GLY C 53 0.22 4.64 11.04
CA GLY C 53 -0.71 4.90 12.14
C GLY C 53 -0.34 4.13 13.42
N HIS C 54 -0.80 4.69 14.55
CA HIS C 54 -0.75 3.99 15.84
C HIS C 54 -2.19 3.89 16.34
N VAL C 55 -2.45 2.92 17.23
CA VAL C 55 -3.83 2.66 17.64
C VAL C 55 -3.87 2.24 19.10
N GLN C 56 -4.98 2.56 19.76
CA GLN C 56 -5.30 2.00 21.08
C GLN C 56 -6.81 2.05 21.22
N VAL C 57 -7.35 1.24 22.12
CA VAL C 57 -8.79 1.27 22.35
C VAL C 57 -9.01 1.99 23.64
N SER C 58 -10.09 2.79 23.71
CA SER C 58 -10.35 3.52 24.94
C SER C 58 -10.52 2.52 26.10
N ASN C 59 -10.10 2.92 27.31
CA ASN C 59 -10.18 2.04 28.46
C ASN C 59 -11.62 1.57 28.73
N ASP C 60 -12.62 2.38 28.41
CA ASP C 60 -14.02 1.97 28.61
C ASP C 60 -14.57 1.10 27.47
N GLY C 61 -13.74 0.79 26.48
CA GLY C 61 -14.14 -0.07 25.40
C GLY C 61 -15.04 0.50 24.32
N LYS C 62 -15.40 1.79 24.41
CA LYS C 62 -16.41 2.33 23.49
C LYS C 62 -15.83 2.91 22.19
N LYS C 63 -14.55 3.34 22.25
CA LYS C 63 -13.97 4.05 21.11
C LYS C 63 -12.60 3.48 20.76
N ILE C 64 -12.23 3.67 19.50
CA ILE C 64 -10.86 3.36 19.05
C ILE C 64 -10.17 4.72 18.81
N TYR C 65 -8.94 4.86 19.31
CA TYR C 65 -8.16 6.06 19.05
C TYR C 65 -7.06 5.72 18.08
N THR C 66 -6.92 6.54 17.03
CA THR C 66 -5.76 6.37 16.12
C THR C 66 -4.96 7.63 16.15
N MET C 67 -3.68 7.48 15.79
CA MET C 67 -2.81 8.64 15.64
C MET C 67 -2.11 8.48 14.31
N THR C 68 -2.12 9.54 13.51
CA THR C 68 -1.54 9.45 12.17
C THR C 68 -1.12 10.80 11.62
N THR C 69 -0.52 10.76 10.43
CA THR C 69 -0.07 11.98 9.74
C THR C 69 -0.69 12.00 8.35
N TYR C 70 -1.23 13.16 7.99
CA TYR C 70 -1.70 13.45 6.63
C TYR C 70 -0.85 14.56 6.06
N HIS C 71 -0.77 14.60 4.72
CA HIS C 71 -0.38 15.84 4.03
C HIS C 71 -1.41 16.14 2.94
N GLU C 72 -1.55 17.42 2.59
CA GLU C 72 -2.57 17.82 1.60
C GLU C 72 -2.51 17.01 0.32
N ARG C 73 -1.28 16.70 -0.11
CA ARG C 73 -1.08 15.88 -1.31
C ARG C 73 -0.17 14.69 -1.05
N ILE C 74 -0.26 14.17 0.17
CA ILE C 74 0.47 12.96 0.64
C ILE C 74 1.98 13.13 0.74
N THR C 75 2.60 13.28 -0.43
CA THR C 75 4.05 13.43 -0.51
C THR C 75 4.47 14.89 -0.66
N ARG C 76 3.50 15.79 -0.66
CA ARG C 76 3.78 17.23 -0.66
C ARG C 76 2.61 17.94 0.00
N GLY C 77 2.79 19.21 0.35
CA GLY C 77 1.72 20.00 0.95
C GLY C 77 1.74 19.98 2.48
N LYS C 78 0.78 20.69 3.08
CA LYS C 78 0.81 20.91 4.51
C LYS C 78 0.57 19.62 5.30
N ARG C 79 1.38 19.46 6.35
CA ARG C 79 1.28 18.32 7.27
C ARG C 79 0.18 18.57 8.31
N SER C 80 -0.59 17.51 8.60
CA SER C 80 -1.53 17.51 9.74
C SER C 80 -1.30 16.23 10.52
N ASP C 81 -0.76 16.36 11.72
CA ASP C 81 -0.72 15.23 12.68
C ASP C 81 -1.98 15.27 13.50
N VAL C 82 -2.60 14.10 13.71
CA VAL C 82 -3.92 14.07 14.37
C VAL C 82 -4.03 12.85 15.27
N VAL C 83 -4.94 12.97 16.23
CA VAL C 83 -5.59 11.80 16.82
C VAL C 83 -7.01 11.76 16.28
N GLU C 84 -7.47 10.57 15.94
CA GLU C 84 -8.86 10.39 15.53
C GLU C 84 -9.58 9.50 16.54
N VAL C 85 -10.82 9.87 16.81
CA VAL C 85 -11.70 9.03 17.61
C VAL C 85 -12.71 8.35 16.69
N TRP C 86 -12.79 7.01 16.78
CA TRP C 86 -13.66 6.19 15.97
C TRP C 86 -14.60 5.43 16.91
N ASP C 87 -15.84 5.19 16.47
CA ASP C 87 -16.71 4.31 17.23
C ASP C 87 -16.24 2.87 17.15
N ALA C 88 -16.13 2.20 18.30
CA ALA C 88 -15.59 0.83 18.30
C ALA C 88 -16.53 -0.19 17.64
N ASP C 89 -17.84 0.05 17.72
CA ASP C 89 -18.76 -0.93 17.19
C ASP C 89 -19.15 -0.69 15.73
N LYS C 90 -19.24 0.58 15.32
CA LYS C 90 -19.60 0.90 13.95
C LYS C 90 -18.35 1.03 13.06
N LEU C 91 -17.18 1.12 13.73
CA LEU C 91 -15.88 1.34 13.02
C LEU C 91 -15.99 2.54 12.07
N THR C 92 -16.55 3.65 12.59
CA THR C 92 -16.73 4.89 11.83
C THR C 92 -15.98 6.03 12.50
N PHE C 93 -15.57 6.99 11.67
CA PHE C 93 -14.86 8.16 12.14
C PHE C 93 -15.83 9.10 12.84
N GLU C 94 -15.42 9.60 14.00
CA GLU C 94 -16.21 10.59 14.75
C GLU C 94 -15.58 11.99 14.87
N LYS C 95 -14.31 12.06 15.27
CA LYS C 95 -13.69 13.35 15.58
C LYS C 95 -12.19 13.33 15.28
N GLU C 96 -11.70 14.46 14.79
CA GLU C 96 -10.29 14.69 14.61
C GLU C 96 -9.79 15.69 15.66
N ILE C 97 -8.68 15.36 16.31
CA ILE C 97 -8.04 16.24 17.28
C ILE C 97 -6.66 16.64 16.75
N SER C 98 -6.43 17.94 16.54
CA SER C 98 -5.17 18.45 15.96
C SER C 98 -4.04 18.32 16.95
N LEU C 99 -2.91 17.81 16.46
CA LEU C 99 -1.66 17.77 17.22
C LEU C 99 -0.65 18.73 16.58
N PRO C 100 0.36 19.16 17.34
CA PRO C 100 1.50 19.83 16.72
C PRO C 100 2.22 18.82 15.80
N PRO C 101 2.87 19.29 14.73
CA PRO C 101 3.43 18.40 13.69
C PRO C 101 4.74 17.74 14.09
N LYS C 102 4.69 16.95 15.16
CA LYS C 102 5.84 16.30 15.71
C LYS C 102 5.49 14.99 16.42
N ARG C 103 4.32 14.43 16.12
CA ARG C 103 4.01 13.15 16.72
C ARG C 103 5.02 12.10 16.25
N VAL C 104 5.32 11.14 17.12
CA VAL C 104 6.34 10.12 16.78
C VAL C 104 5.92 9.35 15.55
N GLN C 105 6.82 9.29 14.57
CA GLN C 105 6.69 8.40 13.43
C GLN C 105 7.71 7.29 13.64
N GLY C 106 7.22 6.08 13.83
CA GLY C 106 8.09 4.96 14.16
C GLY C 106 7.29 3.69 14.39
N LEU C 107 7.99 2.59 14.60
CA LEU C 107 7.36 1.29 14.81
C LEU C 107 6.44 1.29 16.03
N ASN C 108 5.48 0.37 15.98
CA ASN C 108 4.35 0.38 16.92
C ASN C 108 4.63 -0.25 18.31
N TYR C 109 5.58 0.31 19.04
CA TYR C 109 5.70 -0.06 20.44
C TYR C 109 4.49 0.51 21.20
N ASP C 110 3.97 -0.26 22.16
CA ASP C 110 2.79 0.17 22.94
C ASP C 110 3.00 1.55 23.57
N GLY C 111 4.21 1.80 24.07
CA GLY C 111 4.49 3.01 24.89
C GLY C 111 4.57 4.31 24.13
N LEU C 112 4.35 4.27 22.82
CA LEU C 112 4.35 5.53 22.06
C LEU C 112 2.97 6.22 22.01
N PHE C 113 1.93 5.49 22.39
CA PHE C 113 0.55 6.01 22.25
C PHE C 113 -0.29 5.28 23.29
N ARG C 114 -0.56 5.98 24.42
CA ARG C 114 -1.16 5.38 25.61
C ARG C 114 -2.26 6.31 26.14
N GLN C 115 -2.78 5.98 27.31
CA GLN C 115 -3.76 6.83 27.96
C GLN C 115 -3.61 6.72 29.46
N THR C 116 -4.17 7.69 30.18
CA THR C 116 -4.15 7.61 31.64
C THR C 116 -5.08 6.50 32.10
N THR C 117 -4.85 6.01 33.31
CA THR C 117 -5.69 4.94 33.86
C THR C 117 -7.17 5.33 33.85
N ASP C 118 -7.49 6.58 34.15
CA ASP C 118 -8.89 7.01 34.20
C ASP C 118 -9.49 7.24 32.81
N GLY C 119 -8.67 7.11 31.76
CA GLY C 119 -9.18 7.19 30.38
C GLY C 119 -9.47 8.60 29.92
N LYS C 120 -9.16 9.61 30.75
CA LYS C 120 -9.53 10.97 30.41
C LYS C 120 -8.49 11.70 29.53
N PHE C 121 -7.28 11.17 29.50
CA PHE C 121 -6.23 11.76 28.70
C PHE C 121 -5.50 10.74 27.89
N ILE C 122 -5.26 11.10 26.63
CA ILE C 122 -4.35 10.34 25.76
C ILE C 122 -2.97 10.92 25.95
N VAL C 123 -1.99 10.04 26.03
CA VAL C 123 -0.61 10.44 26.33
C VAL C 123 0.26 9.86 25.24
N LEU C 124 0.93 10.73 24.47
CA LEU C 124 1.59 10.28 23.25
C LEU C 124 3.02 10.83 23.18
N GLN C 125 3.90 10.09 22.51
CA GLN C 125 5.29 10.53 22.34
C GLN C 125 5.48 11.43 21.11
N ASN C 126 6.22 12.54 21.30
CA ASN C 126 6.58 13.47 20.23
C ASN C 126 8.05 13.35 19.97
N ALA C 127 8.44 13.66 18.75
CA ALA C 127 9.87 13.77 18.42
C ALA C 127 10.00 14.75 17.26
N SER C 128 10.78 15.81 17.46
CA SER C 128 10.91 16.84 16.44
C SER C 128 12.30 17.10 15.78
N PRO C 129 13.42 16.50 16.22
CA PRO C 129 13.53 15.21 16.89
C PRO C 129 13.67 15.35 18.41
N ALA C 130 13.71 16.57 18.95
CA ALA C 130 13.66 16.76 20.40
C ALA C 130 12.42 16.05 20.93
N THR C 131 12.57 15.34 22.04
CA THR C 131 11.42 14.59 22.55
C THR C 131 10.62 15.33 23.62
N SER C 132 9.32 15.13 23.58
CA SER C 132 8.42 15.61 24.63
C SER C 132 7.23 14.69 24.62
N ILE C 133 6.41 14.79 25.66
CA ILE C 133 5.18 13.98 25.72
C ILE C 133 3.99 14.89 25.52
N GLY C 134 3.09 14.53 24.60
CA GLY C 134 1.89 15.31 24.35
C GLY C 134 0.69 14.75 25.09
N ILE C 135 -0.18 15.66 25.56
CA ILE C 135 -1.39 15.29 26.30
C ILE C 135 -2.60 15.78 25.55
N VAL C 136 -3.53 14.85 25.28
CA VAL C 136 -4.80 15.15 24.68
C VAL C 136 -5.92 14.92 25.68
N ASP C 137 -6.75 15.95 25.87
CA ASP C 137 -7.96 15.89 26.67
C ASP C 137 -9.09 15.29 25.81
N VAL C 138 -9.48 14.06 26.14
CA VAL C 138 -10.50 13.34 25.36
C VAL C 138 -11.85 14.07 25.36
N ALA C 139 -12.31 14.47 26.54
CA ALA C 139 -13.60 15.19 26.65
C ALA C 139 -13.63 16.47 25.82
N LYS C 140 -12.54 17.25 25.88
CA LYS C 140 -12.48 18.51 25.15
C LYS C 140 -12.11 18.35 23.66
N GLY C 141 -11.57 17.19 23.29
CA GLY C 141 -11.05 17.01 21.93
C GLY C 141 -9.91 17.95 21.59
N ASP C 142 -9.01 18.18 22.57
CA ASP C 142 -7.97 19.19 22.48
C ASP C 142 -6.61 18.69 22.95
N TYR C 143 -5.56 19.15 22.28
CA TYR C 143 -4.19 19.01 22.77
C TYR C 143 -3.97 20.07 23.85
N VAL C 144 -3.65 19.63 25.07
CA VAL C 144 -3.69 20.56 26.21
C VAL C 144 -2.36 20.79 26.95
N GLU C 145 -1.35 19.96 26.69
CA GLU C 145 -0.09 20.00 27.45
C GLU C 145 1.03 19.38 26.64
N ASP C 146 2.19 20.01 26.69
CA ASP C 146 3.37 19.48 26.05
C ASP C 146 4.39 19.35 27.17
N VAL C 147 4.74 18.13 27.53
CA VAL C 147 5.61 17.89 28.68
C VAL C 147 7.08 17.93 28.24
N THR C 148 7.65 19.13 28.19
CA THR C 148 9.05 19.27 27.81
C THR C 148 10.03 18.79 28.87
N ALA C 149 9.54 18.62 30.10
CA ALA C 149 10.35 18.00 31.18
C ALA C 149 10.84 16.61 30.77
N ALA C 150 10.14 15.98 29.82
CA ALA C 150 10.53 14.65 29.35
C ALA C 150 11.55 14.65 28.20
N ALA C 151 12.13 15.82 27.89
CA ALA C 151 13.22 15.85 26.92
C ALA C 151 14.32 14.87 27.27
N GLY C 152 14.82 14.15 26.25
CA GLY C 152 15.81 13.09 26.45
C GLY C 152 15.29 11.79 27.05
N CYS C 153 13.96 11.69 27.19
CA CYS C 153 13.31 10.46 27.62
C CYS C 153 12.55 9.82 26.45
N TRP C 154 12.03 8.62 26.68
CA TRP C 154 11.30 7.93 25.62
C TRP C 154 10.27 6.96 26.18
N SER C 155 9.07 7.08 25.61
CA SER C 155 7.92 6.18 25.83
C SER C 155 7.16 6.42 27.12
N VAL C 156 5.93 5.89 27.16
CA VAL C 156 4.96 6.21 28.21
C VAL C 156 4.52 4.91 28.87
N ILE C 157 4.71 4.82 30.19
CA ILE C 157 4.27 3.66 30.98
C ILE C 157 3.24 4.17 31.99
N PRO C 158 1.95 3.98 31.74
CA PRO C 158 0.93 4.47 32.68
C PRO C 158 1.01 3.70 33.98
N GLN C 159 0.71 4.37 35.10
CA GLN C 159 0.67 3.70 36.41
C GLN C 159 -0.79 3.24 36.66
N PRO C 160 -1.05 1.92 36.68
CA PRO C 160 -2.44 1.46 36.82
C PRO C 160 -3.07 1.73 38.18
N ASN C 161 -2.25 2.15 39.15
CA ASN C 161 -2.74 2.45 40.51
C ASN C 161 -3.04 3.93 40.77
N ARG C 162 -2.84 4.77 39.74
CA ARG C 162 -3.17 6.20 39.85
C ARG C 162 -3.95 6.67 38.64
N PRO C 163 -4.81 7.67 38.81
CA PRO C 163 -5.73 8.01 37.71
C PRO C 163 -5.08 8.71 36.51
N ARG C 164 -4.04 9.52 36.74
CA ARG C 164 -3.49 10.36 35.68
C ARG C 164 -1.99 10.46 35.79
N SER C 165 -1.33 9.34 36.08
CA SER C 165 0.13 9.34 36.24
C SER C 165 0.76 8.36 35.28
N PHE C 166 1.98 8.69 34.85
CA PHE C 166 2.73 7.80 33.96
C PHE C 166 4.20 8.05 34.14
N MET C 167 4.99 7.11 33.65
CA MET C 167 6.46 7.19 33.71
C MET C 167 7.04 7.15 32.33
N THR C 168 8.26 7.65 32.22
CA THR C 168 9.00 7.55 30.97
C THR C 168 10.45 7.23 31.27
N ILE C 169 11.12 6.53 30.35
CA ILE C 169 12.50 6.09 30.55
C ILE C 169 13.47 7.15 30.03
N CYS C 170 14.42 7.55 30.86
CA CYS C 170 15.28 8.67 30.47
C CYS C 170 16.74 8.28 30.17
N GLY C 171 17.45 9.20 29.53
CA GLY C 171 18.83 8.97 29.11
C GLY C 171 19.84 8.79 30.23
N ASP C 172 19.43 9.14 31.43
CA ASP C 172 20.26 8.95 32.63
C ASP C 172 20.04 7.56 33.26
N GLY C 173 19.20 6.72 32.63
CA GLY C 173 18.98 5.36 33.15
C GLY C 173 17.94 5.28 34.26
N GLY C 174 17.29 6.39 34.54
CA GLY C 174 16.23 6.45 35.51
C GLY C 174 14.86 6.66 34.86
N LEU C 175 13.87 6.87 35.70
CA LEU C 175 12.51 7.07 35.24
C LEU C 175 12.02 8.41 35.70
N LEU C 176 11.33 9.12 34.80
CA LEU C 176 10.63 10.34 35.15
C LEU C 176 9.16 10.04 35.30
N THR C 177 8.58 10.41 36.43
CA THR C 177 7.16 10.26 36.70
C THR C 177 6.45 11.57 36.56
N ILE C 178 5.36 11.56 35.81
CA ILE C 178 4.53 12.75 35.61
C ILE C 178 3.15 12.48 36.15
N ASN C 179 2.68 13.38 36.99
CA ASN C 179 1.33 13.32 37.53
C ASN C 179 0.50 14.48 36.97
N LEU C 180 -0.49 14.18 36.14
CA LEU C 180 -1.30 15.24 35.53
C LEU C 180 -2.41 15.68 36.45
N GLY C 181 -2.72 16.95 36.42
CA GLY C 181 -3.92 17.44 37.09
C GLY C 181 -5.18 17.13 36.30
N GLU C 182 -6.33 17.49 36.85
CA GLU C 182 -7.60 17.19 36.18
C GLU C 182 -7.82 18.01 34.91
N ASP C 183 -6.93 18.96 34.67
CA ASP C 183 -6.95 19.75 33.45
C ASP C 183 -5.96 19.21 32.40
N GLY C 184 -5.27 18.13 32.72
CA GLY C 184 -4.27 17.56 31.80
C GLY C 184 -2.93 18.24 31.80
N LYS C 185 -2.76 19.30 32.60
CA LYS C 185 -1.45 19.94 32.72
C LYS C 185 -0.64 19.25 33.81
N VAL C 186 0.68 19.32 33.75
CA VAL C 186 1.49 18.66 34.78
C VAL C 186 1.19 19.26 36.16
N ALA C 187 0.80 18.39 37.09
CA ALA C 187 0.53 18.80 38.49
C ALA C 187 1.75 18.60 39.39
N SER C 188 2.58 17.58 39.10
CA SER C 188 3.82 17.32 39.80
C SER C 188 4.61 16.27 39.04
N GLN C 189 5.87 16.12 39.42
CA GLN C 189 6.78 15.20 38.75
C GLN C 189 7.87 14.78 39.71
N SER C 190 8.52 13.67 39.41
CA SER C 190 9.65 13.19 40.19
C SER C 190 10.56 12.33 39.32
N ARG C 191 11.81 12.21 39.73
CA ARG C 191 12.83 11.46 38.98
C ARG C 191 13.38 10.40 39.91
N SER C 192 13.48 9.16 39.44
CA SER C 192 14.02 8.09 40.26
C SER C 192 15.53 8.20 40.26
N LYS C 193 16.18 7.41 41.14
CA LYS C 193 17.62 7.14 41.02
C LYS C 193 17.86 6.31 39.75
N GLN C 194 19.12 6.18 39.35
CA GLN C 194 19.47 5.35 38.19
C GLN C 194 19.00 3.93 38.39
N MET C 195 18.23 3.41 37.43
CA MET C 195 17.77 2.04 37.49
C MET C 195 18.75 1.08 36.81
N PHE C 196 19.17 1.44 35.60
CA PHE C 196 20.06 0.59 34.78
C PHE C 196 21.15 1.46 34.18
N SER C 197 22.27 0.82 33.88
CA SER C 197 23.35 1.50 33.17
C SER C 197 22.99 1.53 31.69
N VAL C 198 22.83 2.72 31.16
CA VAL C 198 22.50 2.91 29.74
C VAL C 198 23.60 2.31 28.87
N LYS C 199 24.85 2.52 29.25
CA LYS C 199 25.98 2.06 28.44
C LYS C 199 26.20 0.58 28.53
N ASP C 200 26.09 0.04 29.74
CA ASP C 200 26.54 -1.32 29.99
C ASP C 200 25.42 -2.36 29.98
N ASP C 201 24.17 -1.95 30.21
CA ASP C 201 23.07 -2.93 30.30
C ASP C 201 21.74 -2.28 29.90
N PRO C 202 21.66 -1.83 28.64
CA PRO C 202 20.45 -1.14 28.19
C PRO C 202 19.23 -2.06 28.25
N ILE C 203 18.12 -1.48 28.70
CA ILE C 203 16.85 -2.20 28.73
C ILE C 203 16.02 -2.01 27.47
N PHE C 204 15.21 -3.01 27.16
CA PHE C 204 14.11 -2.86 26.22
C PHE C 204 13.06 -1.95 26.87
N ILE C 205 12.40 -1.12 26.06
CA ILE C 205 11.45 -0.18 26.61
C ILE C 205 10.12 -0.82 27.05
N ALA C 206 9.82 -1.99 26.50
CA ALA C 206 8.51 -2.61 26.77
C ALA C 206 8.37 -3.08 28.22
N PRO C 207 7.39 -2.55 28.98
CA PRO C 207 7.27 -2.98 30.38
C PRO C 207 6.49 -4.28 30.52
N ALA C 208 6.82 -5.04 31.56
CA ALA C 208 5.94 -6.10 32.07
C ALA C 208 5.25 -5.44 33.25
N LEU C 209 4.02 -4.97 33.01
CA LEU C 209 3.40 -4.00 33.86
C LEU C 209 2.42 -4.61 34.85
N ASP C 210 2.70 -4.44 36.14
CA ASP C 210 1.76 -4.84 37.20
C ASP C 210 0.93 -3.62 37.65
N LYS C 211 0.07 -3.83 38.63
CA LYS C 211 -0.76 -2.74 39.14
C LYS C 211 0.07 -1.62 39.79
N ASP C 212 1.15 -1.99 40.48
CA ASP C 212 1.96 -1.00 41.22
C ASP C 212 3.46 -1.12 41.01
N LYS C 213 3.85 -1.92 40.02
CA LYS C 213 5.25 -2.04 39.66
C LYS C 213 5.38 -2.47 38.20
N ALA C 214 6.58 -2.28 37.64
CA ALA C 214 6.89 -2.66 36.27
C ALA C 214 8.24 -3.32 36.24
N HIS C 215 8.38 -4.31 35.39
CA HIS C 215 9.68 -4.97 35.16
C HIS C 215 10.11 -4.72 33.73
N PHE C 216 11.42 -4.61 33.55
CA PHE C 216 12.00 -4.42 32.23
C PHE C 216 13.11 -5.45 32.05
N VAL C 217 13.26 -5.96 30.85
CA VAL C 217 14.39 -6.87 30.56
C VAL C 217 15.48 -6.15 29.77
N SER C 218 16.71 -6.63 29.87
CA SER C 218 17.83 -5.93 29.22
C SER C 218 18.35 -6.71 28.02
N TYR C 219 19.23 -6.04 27.25
CA TYR C 219 19.84 -6.67 26.09
C TYR C 219 20.60 -7.94 26.45
N TYR C 220 21.02 -8.05 27.71
CA TYR C 220 21.88 -9.16 28.14
C TYR C 220 21.15 -10.12 29.05
N GLY C 221 19.83 -9.94 29.14
CA GLY C 221 19.00 -10.89 29.85
C GLY C 221 18.85 -10.65 31.35
N ASN C 222 19.04 -9.40 31.76
CA ASN C 222 18.79 -9.03 33.15
C ASN C 222 17.43 -8.40 33.30
N VAL C 223 16.95 -8.31 34.54
CA VAL C 223 15.64 -7.79 34.84
C VAL C 223 15.78 -6.65 35.84
N TYR C 224 15.15 -5.53 35.53
CA TYR C 224 15.07 -4.37 36.40
C TYR C 224 13.64 -4.09 36.79
N SER C 225 13.43 -3.49 37.95
CA SER C 225 12.07 -3.25 38.42
C SER C 225 11.91 -1.86 38.95
N ALA C 226 10.70 -1.33 38.76
CA ALA C 226 10.35 -0.03 39.27
C ALA C 226 9.09 -0.20 40.08
N ASP C 227 9.18 0.11 41.37
CA ASP C 227 8.03 0.02 42.25
C ASP C 227 7.44 1.39 42.45
N PHE C 228 6.19 1.55 42.05
CA PHE C 228 5.49 2.83 42.18
C PHE C 228 4.27 2.76 43.10
N SER C 229 4.35 1.91 44.12
CA SER C 229 3.31 1.88 45.14
C SER C 229 3.26 3.22 45.90
N GLY C 230 4.39 3.92 46.01
CA GLY C 230 4.41 5.28 46.58
C GLY C 230 4.54 6.37 45.53
N ASP C 231 4.59 7.63 45.97
CA ASP C 231 4.73 8.77 45.06
C ASP C 231 6.09 8.80 44.39
N GLU C 232 7.11 8.39 45.15
CA GLU C 232 8.47 8.26 44.63
C GLU C 232 8.67 6.82 44.17
N VAL C 233 9.11 6.67 42.94
CA VAL C 233 9.38 5.35 42.37
C VAL C 233 10.69 4.80 42.91
N LYS C 234 10.65 3.56 43.40
CA LYS C 234 11.85 2.87 43.89
C LYS C 234 12.33 1.86 42.85
N VAL C 235 13.62 1.89 42.53
CA VAL C 235 14.16 1.09 41.43
C VAL C 235 15.14 0.05 41.94
N ASP C 236 15.20 -1.11 41.29
CA ASP C 236 16.19 -2.13 41.63
C ASP C 236 16.51 -3.05 40.48
N GLY C 237 17.43 -3.98 40.72
CA GLY C 237 17.96 -4.82 39.65
C GLY C 237 19.43 -4.53 39.43
N PRO C 238 20.13 -5.46 38.81
CA PRO C 238 19.52 -6.53 38.02
C PRO C 238 19.38 -7.86 38.79
N TRP C 239 18.42 -8.68 38.40
CA TRP C 239 18.56 -10.14 38.51
C TRP C 239 18.59 -10.76 37.13
N SER C 240 19.20 -11.92 36.97
CA SER C 240 19.35 -12.51 35.64
C SER C 240 18.23 -13.47 35.31
N LEU C 241 17.73 -13.40 34.05
CA LEU C 241 16.83 -14.45 33.49
C LEU C 241 17.52 -15.77 33.30
N LEU C 242 18.86 -15.76 33.38
CA LEU C 242 19.68 -16.86 32.88
C LEU C 242 20.28 -17.68 34.01
N ASN C 243 20.25 -19.00 33.86
CA ASN C 243 21.07 -19.86 34.71
C ASN C 243 22.40 -20.15 33.97
N ASP C 244 23.30 -20.92 34.57
CA ASP C 244 24.62 -21.15 33.96
C ASP C 244 24.56 -21.81 32.60
N GLU C 245 23.65 -22.76 32.47
CA GLU C 245 23.48 -23.47 31.20
C GLU C 245 22.99 -22.51 30.11
N ASP C 246 22.06 -21.62 30.47
CA ASP C 246 21.53 -20.64 29.54
C ASP C 246 22.62 -19.71 29.05
N LYS C 247 23.49 -19.28 29.98
CA LYS C 247 24.60 -18.41 29.64
C LYS C 247 25.56 -19.08 28.67
N ALA C 248 25.76 -20.37 28.86
CA ALA C 248 26.70 -21.13 28.01
C ALA C 248 26.26 -21.15 26.56
N LYS C 249 24.95 -21.05 26.32
CA LYS C 249 24.43 -21.04 24.96
C LYS C 249 24.02 -19.61 24.52
N ASN C 250 24.40 -18.63 25.34
CA ASN C 250 24.25 -17.20 24.98
C ASN C 250 22.79 -16.77 24.74
N TRP C 251 21.89 -17.33 25.53
CA TRP C 251 20.49 -16.91 25.46
C TRP C 251 20.30 -15.47 25.92
N VAL C 252 19.55 -14.70 25.13
CA VAL C 252 19.21 -13.32 25.47
C VAL C 252 17.81 -13.02 24.94
N PRO C 253 17.17 -11.96 25.43
CA PRO C 253 15.87 -11.56 24.91
C PRO C 253 15.96 -10.98 23.53
N GLY C 254 14.90 -11.07 22.75
CA GLY C 254 14.84 -10.29 21.52
C GLY C 254 13.40 -10.11 21.09
N GLY C 255 13.13 -8.99 20.44
CA GLY C 255 11.80 -8.71 19.87
C GLY C 255 11.48 -7.22 20.03
N TYR C 256 10.18 -6.89 19.95
CA TYR C 256 9.74 -5.51 20.00
C TYR C 256 8.86 -5.30 21.23
N ASN C 257 7.57 -5.62 21.12
CA ASN C 257 6.73 -5.66 22.31
C ASN C 257 6.91 -7.04 22.96
N LEU C 258 8.07 -7.22 23.60
CA LEU C 258 8.63 -8.59 23.80
C LEU C 258 8.36 -9.23 25.14
N VAL C 259 7.72 -8.51 26.07
CA VAL C 259 7.41 -9.06 27.39
C VAL C 259 5.95 -8.86 27.77
N GLY C 260 5.56 -9.57 28.80
CA GLY C 260 4.19 -9.46 29.30
C GLY C 260 4.14 -9.99 30.71
N LEU C 261 3.13 -9.55 31.47
CA LEU C 261 2.95 -10.00 32.84
C LEU C 261 1.56 -10.55 33.03
N HIS C 262 1.46 -11.73 33.63
CA HIS C 262 0.16 -12.24 34.09
C HIS C 262 0.03 -11.81 35.55
N ARG C 263 -0.84 -10.83 35.83
CA ARG C 263 -0.80 -10.16 37.13
C ARG C 263 -1.21 -11.06 38.30
N ALA C 264 -2.15 -11.95 38.06
CA ALA C 264 -2.66 -12.81 39.16
C ALA C 264 -1.58 -13.72 39.72
N SER C 265 -0.73 -14.25 38.84
CA SER C 265 0.32 -15.21 39.23
C SER C 265 1.70 -14.56 39.41
N GLY C 266 1.91 -13.41 38.78
CA GLY C 266 3.26 -12.83 38.75
C GLY C 266 4.16 -13.43 37.67
N ARG C 267 3.60 -14.27 36.80
CA ARG C 267 4.45 -14.87 35.73
C ARG C 267 4.75 -13.80 34.69
N MET C 268 6.03 -13.72 34.30
CA MET C 268 6.47 -12.81 33.24
C MET C 268 6.88 -13.63 32.03
N TYR C 269 6.40 -13.22 30.87
CA TYR C 269 6.66 -13.90 29.58
C TYR C 269 7.65 -13.07 28.81
N VAL C 270 8.66 -13.73 28.26
CA VAL C 270 9.76 -13.05 27.52
C VAL C 270 10.16 -13.86 26.29
N PHE C 271 10.25 -13.20 25.14
CA PHE C 271 10.83 -13.83 23.95
C PHE C 271 12.36 -13.91 24.05
N MET C 272 12.90 -15.12 23.80
CA MET C 272 14.35 -15.37 23.96
C MET C 272 14.90 -16.08 22.72
N HIS C 273 16.22 -15.92 22.47
CA HIS C 273 16.86 -16.69 21.42
C HIS C 273 18.30 -17.00 21.86
N PRO C 274 18.84 -18.11 21.34
CA PRO C 274 20.22 -18.48 21.67
C PRO C 274 21.21 -17.72 20.80
N ASP C 275 22.50 -17.93 21.07
CA ASP C 275 23.57 -17.32 20.29
C ASP C 275 23.44 -15.81 20.19
N GLY C 276 23.05 -15.20 21.31
CA GLY C 276 22.97 -13.75 21.38
C GLY C 276 24.34 -13.12 21.27
N LYS C 277 24.38 -11.95 20.64
CA LYS C 277 25.58 -11.12 20.52
C LYS C 277 25.12 -9.74 20.10
N GLU C 278 26.03 -8.76 20.04
CA GLU C 278 25.69 -7.42 19.59
C GLU C 278 24.94 -7.50 18.27
N GLY C 279 23.77 -6.88 18.25
CA GLY C 279 22.94 -6.80 17.05
C GLY C 279 21.78 -7.78 16.95
N THR C 280 21.57 -8.62 17.97
CA THR C 280 20.47 -9.60 17.90
C THR C 280 19.27 -9.27 18.75
N HIS C 281 19.19 -8.06 19.24
CA HIS C 281 18.12 -7.70 20.19
C HIS C 281 16.72 -7.63 19.56
N LYS C 282 16.62 -7.66 18.23
CA LYS C 282 15.30 -7.66 17.58
C LYS C 282 15.01 -9.00 16.87
N PHE C 283 15.79 -10.03 17.19
CA PHE C 283 15.61 -11.32 16.56
C PHE C 283 14.29 -11.98 16.99
N PRO C 284 13.67 -12.73 16.09
CA PRO C 284 12.47 -13.50 16.45
C PRO C 284 12.74 -14.49 17.56
N ALA C 285 11.70 -14.79 18.32
CA ALA C 285 11.82 -15.71 19.43
C ALA C 285 12.06 -17.15 18.96
N ALA C 286 13.13 -17.77 19.48
CA ALA C 286 13.27 -19.22 19.44
C ALA C 286 12.35 -19.86 20.50
N GLU C 287 12.23 -19.19 21.64
CA GLU C 287 11.40 -19.68 22.73
C GLU C 287 10.69 -18.52 23.44
N ILE C 288 9.57 -18.86 24.10
CA ILE C 288 9.01 -18.00 25.12
C ILE C 288 9.41 -18.59 26.46
N TRP C 289 9.98 -17.77 27.34
CA TRP C 289 10.28 -18.22 28.69
C TRP C 289 9.23 -17.67 29.62
N VAL C 290 8.88 -18.48 30.61
CA VAL C 290 7.91 -18.12 31.63
C VAL C 290 8.66 -18.05 32.95
N MET C 291 8.67 -16.84 33.53
CA MET C 291 9.50 -16.53 34.70
C MET C 291 8.62 -16.28 35.89
N ASP C 292 8.96 -16.86 37.03
CA ASP C 292 8.28 -16.55 38.26
C ASP C 292 8.99 -15.32 38.83
N THR C 293 8.30 -14.16 38.83
CA THR C 293 8.96 -12.92 39.26
C THR C 293 9.15 -12.85 40.79
N LYS C 294 8.41 -13.69 41.53
CA LYS C 294 8.61 -13.78 42.99
C LYS C 294 9.90 -14.53 43.34
N THR C 295 10.08 -15.72 42.75
CA THR C 295 11.27 -16.55 43.02
C THR C 295 12.44 -16.14 42.12
N LYS C 296 12.15 -15.38 41.07
CA LYS C 296 13.19 -14.89 40.15
C LYS C 296 13.87 -16.07 39.44
N GLN C 297 13.04 -17.05 39.07
CA GLN C 297 13.52 -18.26 38.36
C GLN C 297 12.55 -18.62 37.24
N ARG C 298 13.08 -19.22 36.17
CA ARG C 298 12.26 -19.69 35.08
C ARG C 298 11.46 -20.91 35.54
N VAL C 299 10.18 -20.98 35.13
CA VAL C 299 9.36 -22.16 35.41
C VAL C 299 9.02 -23.01 34.19
N ALA C 300 8.99 -22.37 33.01
CA ALA C 300 8.70 -23.09 31.78
C ALA C 300 9.32 -22.42 30.57
N ARG C 301 9.47 -23.20 29.50
CA ARG C 301 9.92 -22.66 28.22
C ARG C 301 9.21 -23.42 27.13
N ILE C 302 8.78 -22.70 26.08
CA ILE C 302 8.04 -23.30 24.95
C ILE C 302 8.54 -22.72 23.62
N PRO C 303 8.28 -23.40 22.51
CA PRO C 303 8.69 -22.89 21.21
C PRO C 303 8.13 -21.50 20.94
N GLY C 304 8.94 -20.64 20.32
CA GLY C 304 8.58 -19.22 20.16
C GLY C 304 7.82 -18.90 18.87
N ARG C 305 7.80 -19.84 17.93
CA ARG C 305 7.10 -19.65 16.64
C ARG C 305 7.51 -18.35 15.95
N ASP C 306 8.79 -17.99 16.08
CA ASP C 306 9.35 -16.78 15.44
C ASP C 306 8.63 -15.48 15.82
N ALA C 307 8.02 -15.47 17.00
CA ALA C 307 7.28 -14.28 17.41
C ALA C 307 8.17 -13.11 17.74
N LEU C 308 7.63 -11.92 17.54
CA LEU C 308 8.34 -10.67 17.79
C LEU C 308 7.65 -9.80 18.83
N SER C 309 6.32 -9.88 18.88
CA SER C 309 5.55 -9.06 19.81
C SER C 309 4.46 -9.91 20.46
N MET C 310 4.02 -9.45 21.64
CA MET C 310 2.96 -10.15 22.39
C MET C 310 2.06 -9.15 23.07
N THR C 311 0.96 -9.67 23.57
CA THR C 311 0.13 -8.95 24.54
C THR C 311 -0.64 -9.96 25.41
N ILE C 312 -1.09 -9.49 26.58
CA ILE C 312 -1.75 -10.37 27.57
C ILE C 312 -3.15 -9.86 27.86
N ASP C 313 -4.09 -10.78 27.95
CA ASP C 313 -5.40 -10.46 28.50
C ASP C 313 -5.47 -11.09 29.89
N GLN C 314 -5.65 -10.26 30.91
CA GLN C 314 -5.64 -10.76 32.28
C GLN C 314 -6.89 -11.60 32.56
N GLN C 315 -8.06 -11.06 32.23
CA GLN C 315 -9.29 -11.70 32.71
C GLN C 315 -9.68 -13.00 32.05
N ARG C 316 -9.19 -13.25 30.83
CA ARG C 316 -9.44 -14.51 30.17
C ARG C 316 -8.15 -15.37 30.19
N ASN C 317 -7.10 -14.86 30.83
CA ASN C 317 -5.83 -15.64 30.93
C ASN C 317 -5.29 -16.06 29.58
N LEU C 318 -5.06 -15.06 28.71
CA LEU C 318 -4.62 -15.31 27.32
C LEU C 318 -3.36 -14.52 27.03
N MET C 319 -2.55 -15.08 26.14
CA MET C 319 -1.43 -14.36 25.56
C MET C 319 -1.55 -14.46 24.06
N LEU C 320 -1.43 -13.35 23.35
CA LEU C 320 -1.30 -13.40 21.89
C LEU C 320 0.16 -13.19 21.55
N THR C 321 0.66 -13.91 20.55
CA THR C 321 1.98 -13.56 20.00
C THR C 321 1.86 -13.32 18.51
N LEU C 322 2.83 -12.62 17.94
CA LEU C 322 2.70 -12.09 16.59
C LEU C 322 4.09 -12.12 15.95
N ASP C 323 4.17 -12.74 14.77
CA ASP C 323 5.47 -12.90 14.09
C ASP C 323 5.68 -11.88 12.95
N GLY C 324 4.79 -10.91 12.86
CA GLY C 324 4.76 -9.94 11.77
C GLY C 324 3.58 -10.12 10.84
N GLY C 325 3.12 -11.36 10.69
CA GLY C 325 1.99 -11.65 9.79
C GLY C 325 0.90 -12.50 10.41
N ASN C 326 1.26 -13.32 11.39
CA ASN C 326 0.36 -14.33 11.97
C ASN C 326 0.22 -14.14 13.46
N VAL C 327 -0.97 -14.37 14.01
CA VAL C 327 -1.23 -14.19 15.43
C VAL C 327 -1.49 -15.54 16.07
N ASN C 328 -0.74 -15.86 17.10
CA ASN C 328 -0.94 -17.09 17.87
C ASN C 328 -1.68 -16.80 19.14
N VAL C 329 -2.65 -17.65 19.48
CA VAL C 329 -3.47 -17.45 20.67
C VAL C 329 -3.16 -18.54 21.69
N TYR C 330 -2.72 -18.12 22.89
CA TYR C 330 -2.32 -19.04 23.95
C TYR C 330 -3.17 -18.90 25.18
N ASP C 331 -3.50 -20.05 25.79
CA ASP C 331 -4.09 -20.10 27.12
C ASP C 331 -2.96 -20.12 28.15
N ILE C 332 -2.91 -19.11 29.03
CA ILE C 332 -1.88 -19.02 30.06
C ILE C 332 -2.47 -19.12 31.48
N SER C 333 -3.59 -19.84 31.61
CA SER C 333 -4.19 -20.05 32.94
C SER C 333 -3.34 -20.97 33.82
N GLN C 334 -2.49 -21.78 33.20
CA GLN C 334 -1.53 -22.62 33.93
CA GLN C 334 -1.53 -22.59 33.95
C GLN C 334 -0.11 -22.17 33.54
N PRO C 335 0.92 -22.56 34.33
CA PRO C 335 2.29 -22.10 34.05
C PRO C 335 2.81 -22.40 32.63
N GLU C 336 2.46 -23.54 32.05
CA GLU C 336 2.87 -23.82 30.67
C GLU C 336 1.79 -23.26 29.72
N PRO C 337 2.12 -22.30 28.86
CA PRO C 337 1.14 -21.83 27.87
C PRO C 337 0.68 -22.96 26.94
N LYS C 338 -0.58 -22.94 26.54
CA LYS C 338 -1.12 -23.91 25.59
C LYS C 338 -1.59 -23.16 24.34
N LEU C 339 -1.08 -23.58 23.17
CA LEU C 339 -1.46 -22.97 21.90
C LEU C 339 -2.85 -23.40 21.51
N LEU C 340 -3.74 -22.43 21.32
CA LEU C 340 -5.13 -22.73 20.94
C LEU C 340 -5.35 -22.67 19.44
N ARG C 341 -4.78 -21.66 18.79
CA ARG C 341 -4.93 -21.53 17.34
C ARG C 341 -3.99 -20.48 16.80
N THR C 342 -3.83 -20.46 15.48
CA THR C 342 -3.07 -19.43 14.81
C THR C 342 -3.94 -18.79 13.77
N ILE C 343 -3.91 -17.47 13.73
CA ILE C 343 -4.64 -16.71 12.73
C ILE C 343 -3.61 -16.32 11.66
N GLU C 344 -3.67 -16.98 10.51
CA GLU C 344 -2.72 -16.74 9.45
C GLU C 344 -3.10 -15.51 8.62
N GLY C 345 -2.10 -14.70 8.26
CA GLY C 345 -2.36 -13.58 7.33
C GLY C 345 -3.16 -12.46 7.96
N ALA C 346 -2.98 -12.28 9.26
CA ALA C 346 -3.66 -11.20 9.99
C ALA C 346 -3.11 -9.81 9.61
N ALA C 347 -1.88 -9.77 9.10
CA ALA C 347 -1.25 -8.50 8.69
C ALA C 347 -0.16 -8.80 7.70
N GLU C 348 0.23 -7.79 6.95
CA GLU C 348 1.45 -7.90 6.15
C GLU C 348 2.70 -7.51 6.94
N ALA C 349 2.62 -6.51 7.81
CA ALA C 349 3.77 -6.05 8.57
C ALA C 349 3.31 -5.44 9.89
N SER C 350 2.95 -6.30 10.83
CA SER C 350 2.51 -5.80 12.13
C SER C 350 3.49 -6.16 13.22
N LEU C 351 3.76 -5.22 14.12
CA LEU C 351 4.54 -5.48 15.32
C LEU C 351 3.73 -5.21 16.58
N GLN C 352 2.40 -5.16 16.46
CA GLN C 352 1.57 -4.82 17.63
C GLN C 352 0.15 -5.40 17.49
N VAL C 353 -0.22 -6.20 18.49
CA VAL C 353 -1.61 -6.67 18.62
C VAL C 353 -2.11 -6.33 20.04
N GLN C 354 -3.40 -6.03 20.16
CA GLN C 354 -4.01 -5.61 21.42
C GLN C 354 -5.42 -6.22 21.53
N PHE C 355 -5.81 -6.62 22.74
CA PHE C 355 -7.19 -7.04 22.97
C PHE C 355 -8.11 -5.84 23.13
N HIS C 356 -9.39 -6.01 22.74
CA HIS C 356 -10.41 -5.08 23.21
C HIS C 356 -10.46 -5.14 24.72
N PRO C 357 -10.43 -3.99 25.40
CA PRO C 357 -10.57 -3.97 26.87
C PRO C 357 -11.92 -4.52 27.32
N VAL C 358 -11.92 -5.27 28.42
CA VAL C 358 -13.18 -5.72 29.01
C VAL C 358 -13.33 -5.25 30.46
N GLY C 359 -12.22 -4.84 31.06
CA GLY C 359 -12.18 -4.36 32.47
C GLY C 359 -13.03 -3.14 32.81
N GLY C 360 -13.27 -2.28 31.82
CA GLY C 360 -14.00 -1.03 32.06
C GLY C 360 -13.20 -0.01 32.84
N ARG D 1 33.40 13.32 5.63
CA ARG D 1 34.12 12.66 4.49
C ARG D 1 33.21 12.58 3.27
N GLU D 2 32.05 11.94 3.44
CA GLU D 2 31.05 11.87 2.39
C GLU D 2 29.90 12.78 2.74
N VAL D 3 29.21 13.28 1.72
CA VAL D 3 28.07 14.16 1.95
C VAL D 3 26.90 13.69 1.09
N LEU D 4 25.77 13.49 1.75
CA LEU D 4 24.52 13.12 1.09
C LEU D 4 23.95 14.28 0.29
N THR D 5 23.60 14.02 -0.97
CA THR D 5 22.98 15.04 -1.82
C THR D 5 21.75 14.52 -2.53
N GLY D 6 20.80 15.43 -2.75
CA GLY D 6 19.69 15.18 -3.67
C GLY D 6 19.82 16.06 -4.91
N GLY D 7 18.72 16.21 -5.63
CA GLY D 7 18.68 17.06 -6.82
C GLY D 7 19.20 16.40 -8.08
N HIS D 8 19.39 15.08 -8.04
CA HIS D 8 20.01 14.36 -9.13
C HIS D 8 19.03 13.95 -10.19
N SER D 9 19.54 13.80 -11.41
CA SER D 9 18.76 13.31 -12.52
C SER D 9 18.81 11.80 -12.59
N VAL D 10 17.84 11.22 -13.28
CA VAL D 10 17.86 9.81 -13.60
C VAL D 10 19.19 9.44 -14.26
N SER D 11 19.78 8.33 -13.82
CA SER D 11 21.16 7.95 -14.18
C SER D 11 21.32 7.39 -15.60
N ALA D 12 20.25 6.85 -16.20
CA ALA D 12 20.29 6.31 -17.55
C ALA D 12 19.62 7.27 -18.52
N PRO D 13 20.05 7.32 -19.77
CA PRO D 13 19.47 8.30 -20.70
C PRO D 13 18.02 7.95 -21.06
N GLN D 14 17.27 8.92 -21.56
CA GLN D 14 15.84 8.74 -21.80
C GLN D 14 15.54 7.54 -22.67
N GLU D 15 16.41 7.29 -23.67
CA GLU D 15 16.14 6.22 -24.63
C GLU D 15 16.19 4.80 -24.02
N ASN D 16 16.69 4.71 -22.78
CA ASN D 16 16.76 3.42 -22.08
C ASN D 16 15.52 3.18 -21.20
N ARG D 17 14.67 4.21 -21.05
CA ARG D 17 13.66 4.19 -19.95
C ARG D 17 12.32 3.64 -20.37
N ILE D 18 11.69 2.92 -19.43
CA ILE D 18 10.32 2.44 -19.54
C ILE D 18 9.59 2.77 -18.24
N TYR D 19 8.26 2.81 -18.32
CA TYR D 19 7.40 3.24 -17.21
C TYR D 19 6.40 2.14 -16.94
N VAL D 20 6.51 1.52 -15.75
CA VAL D 20 5.62 0.45 -15.34
C VAL D 20 4.63 1.04 -14.37
N MET D 21 3.35 1.12 -14.78
CA MET D 21 2.34 1.77 -13.96
C MET D 21 1.85 0.74 -12.92
N ASP D 22 2.28 0.89 -11.67
CA ASP D 22 1.93 -0.11 -10.68
C ASP D 22 0.68 0.34 -9.95
N SER D 23 -0.43 -0.34 -10.19
CA SER D 23 -1.66 0.04 -9.51
C SER D 23 -1.57 -0.26 -8.01
N VAL D 24 -0.77 -1.24 -7.60
CA VAL D 24 -0.74 -1.66 -6.21
C VAL D 24 -2.16 -1.86 -5.70
N PHE D 25 -2.92 -2.67 -6.41
CA PHE D 25 -4.33 -2.84 -6.09
C PHE D 25 -4.57 -3.21 -4.63
N MET D 26 -3.69 -4.01 -4.03
CA MET D 26 -3.84 -4.37 -2.61
C MET D 26 -3.80 -3.16 -1.67
N HIS D 27 -3.16 -2.09 -2.15
CA HIS D 27 -3.07 -0.82 -1.43
C HIS D 27 -3.17 0.30 -2.44
N LEU D 28 -4.34 0.39 -3.07
CA LEU D 28 -4.54 1.21 -4.25
C LEU D 28 -4.35 2.73 -4.03
N THR D 29 -4.38 3.17 -2.77
CA THR D 29 -4.08 4.56 -2.46
C THR D 29 -2.60 4.91 -2.57
N GLU D 30 -1.74 3.90 -2.79
CA GLU D 30 -0.28 4.15 -2.94
C GLU D 30 0.22 3.58 -4.28
N SER D 31 -0.59 3.72 -5.32
CA SER D 31 -0.13 3.44 -6.67
C SER D 31 1.07 4.31 -7.03
N ARG D 32 1.88 3.84 -7.98
CA ARG D 32 3.04 4.64 -8.41
C ARG D 32 3.52 4.14 -9.76
N VAL D 33 4.35 4.96 -10.36
CA VAL D 33 5.04 4.62 -11.61
C VAL D 33 6.47 4.22 -11.28
N HIS D 34 6.88 3.02 -11.71
CA HIS D 34 8.26 2.57 -11.54
C HIS D 34 8.99 2.81 -12.86
N VAL D 35 10.15 3.45 -12.78
CA VAL D 35 10.97 3.78 -13.95
C VAL D 35 12.12 2.79 -14.00
N TYR D 36 12.21 2.05 -15.11
CA TYR D 36 13.25 1.01 -15.29
C TYR D 36 14.08 1.29 -16.53
N ASP D 37 15.31 0.77 -16.54
CA ASP D 37 16.16 0.75 -17.72
C ASP D 37 15.92 -0.60 -18.39
N TYR D 38 15.35 -0.60 -19.61
CA TYR D 38 15.00 -1.89 -20.26
C TYR D 38 16.25 -2.66 -20.77
N THR D 39 17.38 -1.96 -20.87
CA THR D 39 18.62 -2.58 -21.42
C THR D 39 19.31 -3.46 -20.39
N ASN D 40 19.06 -3.21 -19.11
CA ASN D 40 19.76 -3.95 -18.07
C ASN D 40 18.89 -4.29 -16.86
N GLY D 41 17.62 -3.89 -16.90
CA GLY D 41 16.69 -4.20 -15.81
C GLY D 41 16.84 -3.36 -14.56
N LYS D 42 17.67 -2.32 -14.61
CA LYS D 42 17.93 -1.49 -13.42
C LYS D 42 16.72 -0.60 -13.08
N PHE D 43 16.40 -0.55 -11.78
CA PHE D 43 15.39 0.39 -11.27
C PHE D 43 16.02 1.79 -11.20
N LEU D 44 15.33 2.77 -11.80
CA LEU D 44 15.90 4.12 -11.97
C LEU D 44 15.23 5.19 -11.06
N GLY D 45 14.00 4.89 -10.63
CA GLY D 45 13.27 5.84 -9.78
C GLY D 45 11.78 5.62 -9.92
N MET D 46 11.00 6.54 -9.35
CA MET D 46 9.54 6.34 -9.31
C MET D 46 8.80 7.65 -9.13
N VAL D 47 7.53 7.64 -9.51
CA VAL D 47 6.66 8.80 -9.31
C VAL D 47 5.43 8.32 -8.54
N PRO D 48 5.17 8.89 -7.35
CA PRO D 48 3.97 8.50 -6.57
C PRO D 48 2.71 9.02 -7.22
N THR D 49 1.69 8.18 -7.27
CA THR D 49 0.44 8.58 -7.95
C THR D 49 -0.83 8.28 -7.13
N ALA D 50 -0.70 8.23 -5.81
CA ALA D 50 -1.89 8.25 -4.92
C ALA D 50 -2.92 7.19 -5.33
N PHE D 51 -4.21 7.53 -5.36
CA PHE D 51 -5.22 6.49 -5.58
C PHE D 51 -5.40 6.19 -7.08
N ASN D 52 -5.12 4.96 -7.48
CA ASN D 52 -5.37 4.51 -8.88
C ASN D 52 -4.83 5.50 -9.91
N GLY D 53 -3.55 5.74 -9.85
CA GLY D 53 -2.92 6.66 -10.82
C GLY D 53 -2.92 6.12 -12.24
N HIS D 54 -2.97 7.04 -13.20
CA HIS D 54 -2.74 6.76 -14.62
C HIS D 54 -1.55 7.62 -15.07
N VAL D 55 -0.87 7.21 -16.14
CA VAL D 55 0.39 7.87 -16.51
C VAL D 55 0.59 7.84 -18.03
N GLN D 56 1.19 8.91 -18.55
CA GLN D 56 1.72 8.94 -19.94
C GLN D 56 2.90 9.88 -19.96
N VAL D 57 3.73 9.76 -20.99
CA VAL D 57 4.83 10.68 -21.15
C VAL D 57 4.46 11.69 -22.23
N SER D 58 4.85 12.95 -22.04
CA SER D 58 4.57 13.96 -23.07
C SER D 58 5.19 13.53 -24.41
N ASN D 59 4.52 13.84 -25.52
CA ASN D 59 5.05 13.42 -26.83
C ASN D 59 6.48 13.90 -27.03
N ASP D 60 6.81 15.08 -26.49
CA ASP D 60 8.16 15.63 -26.65
C ASP D 60 9.20 15.02 -25.72
N GLY D 61 8.77 14.12 -24.84
CA GLY D 61 9.69 13.38 -23.96
C GLY D 61 10.26 14.14 -22.77
N LYS D 62 9.78 15.36 -22.52
CA LYS D 62 10.32 16.19 -21.46
C LYS D 62 9.61 15.98 -20.11
N LYS D 63 8.32 15.62 -20.17
CA LYS D 63 7.48 15.63 -18.96
C LYS D 63 6.75 14.30 -18.82
N ILE D 64 6.47 13.94 -17.56
CA ILE D 64 5.57 12.83 -17.26
C ILE D 64 4.24 13.44 -16.80
N TYR D 65 3.16 12.96 -17.39
CA TYR D 65 1.82 13.36 -16.95
C TYR D 65 1.21 12.25 -16.13
N THR D 66 0.72 12.59 -14.94
CA THR D 66 -0.06 11.62 -14.19
C THR D 66 -1.49 12.14 -14.02
N MET D 67 -2.41 11.23 -13.71
CA MET D 67 -3.78 11.57 -13.37
C MET D 67 -4.14 10.78 -12.15
N THR D 68 -4.69 11.45 -11.14
CA THR D 68 -4.99 10.76 -9.88
C THR D 68 -6.10 11.48 -9.11
N THR D 69 -6.48 10.88 -7.98
CA THR D 69 -7.50 11.41 -7.08
C THR D 69 -6.92 11.49 -5.69
N TYR D 70 -7.12 12.67 -5.06
CA TYR D 70 -6.84 12.89 -3.63
C TYR D 70 -8.16 13.16 -2.90
N HIS D 71 -8.18 12.90 -1.59
CA HIS D 71 -9.20 13.52 -0.69
C HIS D 71 -8.47 14.12 0.48
N GLU D 72 -9.07 15.13 1.09
CA GLU D 72 -8.39 15.85 2.17
C GLU D 72 -7.88 14.92 3.26
N ARG D 73 -8.64 13.86 3.55
CA ARG D 73 -8.25 12.88 4.56
C ARG D 73 -8.28 11.44 4.01
N ILE D 74 -8.01 11.33 2.70
CA ILE D 74 -7.89 10.05 1.97
C ILE D 74 -9.23 9.32 1.81
N THR D 75 -9.74 8.83 2.95
CA THR D 75 -11.03 8.09 2.95
C THR D 75 -12.21 8.95 3.38
N ARG D 76 -11.96 10.24 3.62
CA ARG D 76 -13.02 11.22 3.83
C ARG D 76 -12.51 12.59 3.41
N GLY D 77 -13.41 13.55 3.35
CA GLY D 77 -13.04 14.92 2.99
C GLY D 77 -13.14 15.18 1.50
N LYS D 78 -12.88 16.42 1.12
CA LYS D 78 -13.15 16.87 -0.24
C LYS D 78 -12.25 16.16 -1.25
N ARG D 79 -12.84 15.80 -2.38
CA ARG D 79 -12.15 15.15 -3.51
C ARG D 79 -11.46 16.17 -4.42
N SER D 80 -10.21 15.86 -4.81
CA SER D 80 -9.57 16.60 -5.87
C SER D 80 -9.05 15.62 -6.92
N ASP D 81 -9.65 15.62 -8.09
CA ASP D 81 -9.10 14.92 -9.27
C ASP D 81 -8.15 15.86 -9.99
N VAL D 82 -6.97 15.35 -10.41
CA VAL D 82 -5.95 16.22 -10.97
C VAL D 82 -5.22 15.52 -12.08
N VAL D 83 -4.64 16.33 -12.97
CA VAL D 83 -3.47 15.92 -13.75
C VAL D 83 -2.26 16.59 -13.12
N GLU D 84 -1.16 15.84 -12.97
CA GLU D 84 0.11 16.42 -12.54
C GLU D 84 1.15 16.36 -13.65
N VAL D 85 1.93 17.44 -13.72
CA VAL D 85 3.08 17.50 -14.62
C VAL D 85 4.35 17.35 -13.79
N TRP D 86 5.17 16.36 -14.16
CA TRP D 86 6.44 16.03 -13.53
C TRP D 86 7.56 16.18 -14.54
N ASP D 87 8.71 16.63 -14.05
CA ASP D 87 9.90 16.63 -14.91
C ASP D 87 10.39 15.21 -15.11
N ALA D 88 10.59 14.81 -16.36
CA ALA D 88 10.99 13.43 -16.63
C ALA D 88 12.40 13.09 -16.15
N ASP D 89 13.32 14.04 -16.21
CA ASP D 89 14.69 13.73 -15.83
C ASP D 89 14.95 13.86 -14.34
N LYS D 90 14.28 14.81 -13.69
CA LYS D 90 14.46 14.98 -12.24
C LYS D 90 13.43 14.16 -11.43
N LEU D 91 12.38 13.67 -12.08
CA LEU D 91 11.26 12.95 -11.41
C LEU D 91 10.71 13.77 -10.23
N THR D 92 10.48 15.07 -10.47
CA THR D 92 9.97 16.02 -9.49
C THR D 92 8.64 16.61 -9.99
N PHE D 93 7.78 16.92 -9.02
CA PHE D 93 6.52 17.53 -9.29
C PHE D 93 6.68 19.00 -9.72
N GLU D 94 5.96 19.38 -10.77
CA GLU D 94 6.00 20.77 -11.22
C GLU D 94 4.64 21.50 -11.13
N LYS D 95 3.57 20.86 -11.58
CA LYS D 95 2.28 21.58 -11.70
C LYS D 95 1.12 20.62 -11.48
N GLU D 96 0.07 21.13 -10.85
CA GLU D 96 -1.20 20.42 -10.71
C GLU D 96 -2.23 21.15 -11.56
N ILE D 97 -3.01 20.38 -12.32
CA ILE D 97 -4.11 20.93 -13.13
C ILE D 97 -5.40 20.31 -12.59
N SER D 98 -6.32 21.16 -12.13
CA SER D 98 -7.56 20.68 -11.55
C SER D 98 -8.54 20.15 -12.57
N LEU D 99 -9.11 18.96 -12.28
CA LEU D 99 -10.14 18.35 -13.11
C LEU D 99 -11.48 18.40 -12.36
N PRO D 100 -12.62 18.26 -13.06
CA PRO D 100 -13.87 18.01 -12.38
C PRO D 100 -13.80 16.63 -11.71
N PRO D 101 -14.48 16.44 -10.59
CA PRO D 101 -14.31 15.22 -9.78
C PRO D 101 -15.02 13.99 -10.37
N LYS D 102 -14.64 13.64 -11.60
CA LYS D 102 -15.22 12.51 -12.31
C LYS D 102 -14.21 11.86 -13.28
N ARG D 103 -12.91 12.05 -13.04
CA ARG D 103 -11.98 11.32 -13.90
C ARG D 103 -12.15 9.82 -13.73
N VAL D 104 -11.93 9.07 -14.81
CA VAL D 104 -12.17 7.60 -14.71
C VAL D 104 -11.28 6.95 -13.66
N GLN D 105 -11.91 6.20 -12.78
CA GLN D 105 -11.19 5.33 -11.86
C GLN D 105 -11.33 3.91 -12.37
N GLY D 106 -10.21 3.30 -12.76
CA GLY D 106 -10.28 1.98 -13.39
C GLY D 106 -8.93 1.49 -13.79
N LEU D 107 -8.87 0.28 -14.29
CA LEU D 107 -7.62 -0.32 -14.69
C LEU D 107 -6.96 0.48 -15.82
N ASN D 108 -5.62 0.32 -15.98
CA ASN D 108 -4.82 1.20 -16.79
C ASN D 108 -4.76 0.81 -18.27
N TYR D 109 -5.90 0.88 -18.93
CA TYR D 109 -5.93 0.82 -20.40
C TYR D 109 -5.32 2.10 -20.96
N ASP D 110 -4.54 1.98 -22.02
CA ASP D 110 -3.90 3.18 -22.62
C ASP D 110 -4.95 4.26 -22.92
N GLY D 111 -6.12 3.85 -23.43
CA GLY D 111 -7.04 4.80 -24.04
C GLY D 111 -7.82 5.61 -23.03
N LEU D 112 -7.54 5.44 -21.73
CA LEU D 112 -8.23 6.23 -20.71
C LEU D 112 -7.50 7.58 -20.43
N PHE D 113 -6.27 7.70 -20.90
CA PHE D 113 -5.45 8.88 -20.59
C PHE D 113 -4.44 9.02 -21.69
N ARG D 114 -4.72 9.93 -22.62
CA ARG D 114 -3.97 10.06 -23.88
C ARG D 114 -3.66 11.54 -24.17
N GLN D 115 -3.12 11.82 -25.34
CA GLN D 115 -2.88 13.21 -25.74
C GLN D 115 -3.09 13.30 -27.23
N THR D 116 -3.36 14.52 -27.71
CA THR D 116 -3.50 14.73 -29.17
C THR D 116 -2.12 14.52 -29.80
N THR D 117 -2.11 14.31 -31.12
CA THR D 117 -0.87 14.06 -31.85
C THR D 117 0.11 15.24 -31.70
N ASP D 118 -0.43 16.46 -31.64
CA ASP D 118 0.41 17.65 -31.50
C ASP D 118 0.85 17.95 -30.08
N GLY D 119 0.41 17.10 -29.14
CA GLY D 119 0.80 17.22 -27.74
C GLY D 119 0.23 18.40 -26.98
N LYS D 120 -0.63 19.18 -27.63
CA LYS D 120 -1.14 20.42 -27.00
C LYS D 120 -2.32 20.14 -26.06
N PHE D 121 -2.94 18.98 -26.19
CA PHE D 121 -4.07 18.62 -25.32
C PHE D 121 -3.93 17.23 -24.73
N ILE D 122 -4.22 17.14 -23.43
CA ILE D 122 -4.39 15.86 -22.78
C ILE D 122 -5.86 15.49 -22.88
N VAL D 123 -6.13 14.24 -23.23
CA VAL D 123 -7.47 13.81 -23.53
C VAL D 123 -7.73 12.58 -22.71
N LEU D 124 -8.74 12.67 -21.85
CA LEU D 124 -8.95 11.66 -20.77
C LEU D 124 -10.42 11.24 -20.67
N GLN D 125 -10.67 10.03 -20.20
CA GLN D 125 -12.02 9.56 -20.01
C GLN D 125 -12.61 10.00 -18.67
N ASN D 126 -13.83 10.54 -18.70
CA ASN D 126 -14.61 10.84 -17.50
C ASN D 126 -15.74 9.83 -17.32
N ALA D 127 -16.13 9.61 -16.07
CA ALA D 127 -17.26 8.76 -15.75
C ALA D 127 -17.86 9.20 -14.43
N SER D 128 -19.14 9.60 -14.47
CA SER D 128 -19.75 10.16 -13.29
C SER D 128 -20.95 9.43 -12.62
N PRO D 129 -21.55 8.38 -13.20
CA PRO D 129 -20.97 7.42 -14.14
C PRO D 129 -21.28 7.77 -15.62
N ALA D 130 -22.05 8.83 -15.86
CA ALA D 130 -22.24 9.30 -17.23
C ALA D 130 -20.88 9.59 -17.82
N THR D 131 -20.70 9.19 -19.07
CA THR D 131 -19.40 9.33 -19.69
C THR D 131 -19.29 10.56 -20.56
N SER D 132 -18.10 11.15 -20.51
CA SER D 132 -17.73 12.23 -21.38
C SER D 132 -16.23 12.17 -21.50
N ILE D 133 -15.70 12.89 -22.47
CA ILE D 133 -14.25 12.99 -22.60
C ILE D 133 -13.76 14.36 -22.08
N GLY D 134 -12.74 14.35 -21.24
CA GLY D 134 -12.18 15.58 -20.70
C GLY D 134 -10.98 16.09 -21.50
N ILE D 135 -10.89 17.40 -21.67
CA ILE D 135 -9.79 18.00 -22.40
C ILE D 135 -9.01 18.96 -21.51
N VAL D 136 -7.70 18.75 -21.42
CA VAL D 136 -6.80 19.64 -20.69
C VAL D 136 -5.87 20.35 -21.65
N ASP D 137 -5.81 21.67 -21.52
CA ASP D 137 -4.96 22.52 -22.34
C ASP D 137 -3.59 22.56 -21.67
N VAL D 138 -2.61 21.92 -22.30
CA VAL D 138 -1.29 21.82 -21.68
C VAL D 138 -0.58 23.19 -21.52
N ALA D 139 -0.62 24.03 -22.55
CA ALA D 139 0.03 25.33 -22.48
C ALA D 139 -0.57 26.19 -21.35
N LYS D 140 -1.89 26.17 -21.22
CA LYS D 140 -2.57 26.96 -20.19
C LYS D 140 -2.59 26.34 -18.79
N GLY D 141 -2.33 25.04 -18.71
CA GLY D 141 -2.46 24.33 -17.45
C GLY D 141 -3.89 24.37 -16.94
N ASP D 142 -4.84 24.23 -17.87
CA ASP D 142 -6.27 24.39 -17.57
C ASP D 142 -7.09 23.22 -18.08
N TYR D 143 -8.22 22.97 -17.42
CA TYR D 143 -9.26 22.14 -18.00
C TYR D 143 -10.09 23.00 -18.94
N VAL D 144 -10.42 22.46 -20.09
CA VAL D 144 -11.24 23.18 -21.08
C VAL D 144 -12.70 22.94 -20.75
N GLU D 145 -13.29 21.90 -21.34
CA GLU D 145 -14.66 21.51 -21.02
C GLU D 145 -14.91 20.07 -21.46
N ASP D 146 -15.99 19.48 -20.96
CA ASP D 146 -16.36 18.11 -21.32
C ASP D 146 -16.72 18.02 -22.79
N VAL D 147 -16.31 16.94 -23.42
CA VAL D 147 -16.84 16.56 -24.72
C VAL D 147 -18.08 15.68 -24.47
N THR D 148 -19.24 16.33 -24.34
CA THR D 148 -20.49 15.64 -24.00
C THR D 148 -21.02 14.78 -25.17
N ALA D 149 -20.53 15.06 -26.38
CA ALA D 149 -20.92 14.27 -27.57
C ALA D 149 -20.55 12.80 -27.41
N ALA D 150 -19.58 12.54 -26.52
CA ALA D 150 -19.07 11.19 -26.33
C ALA D 150 -19.83 10.37 -25.29
N ALA D 151 -20.95 10.89 -24.79
CA ALA D 151 -21.80 10.12 -23.89
C ALA D 151 -22.14 8.77 -24.49
N GLY D 152 -22.08 7.72 -23.67
CA GLY D 152 -22.33 6.36 -24.14
C GLY D 152 -21.20 5.74 -24.95
N CYS D 153 -20.06 6.43 -25.00
CA CYS D 153 -18.87 5.90 -25.64
C CYS D 153 -17.77 5.65 -24.60
N TRP D 154 -16.63 5.11 -25.05
CA TRP D 154 -15.56 4.75 -24.13
C TRP D 154 -14.21 4.70 -24.79
N SER D 155 -13.27 5.37 -24.13
CA SER D 155 -11.84 5.37 -24.44
C SER D 155 -11.46 6.30 -25.60
N VAL D 156 -10.18 6.62 -25.67
CA VAL D 156 -9.67 7.66 -26.56
C VAL D 156 -8.61 7.03 -27.48
N ILE D 157 -8.84 7.10 -28.80
CA ILE D 157 -7.87 6.65 -29.80
C ILE D 157 -7.46 7.85 -30.64
N PRO D 158 -6.29 8.40 -30.36
CA PRO D 158 -5.78 9.54 -31.14
C PRO D 158 -5.61 9.17 -32.60
N GLN D 159 -5.74 10.17 -33.49
CA GLN D 159 -5.50 9.94 -34.91
C GLN D 159 -4.12 10.48 -35.20
N PRO D 160 -3.14 9.61 -35.41
CA PRO D 160 -1.75 10.06 -35.58
C PRO D 160 -1.49 10.90 -36.86
N ASN D 161 -2.49 11.01 -37.73
CA ASN D 161 -2.35 11.77 -38.99
C ASN D 161 -2.92 13.18 -38.93
N ARG D 162 -3.44 13.56 -37.76
CA ARG D 162 -4.07 14.86 -37.54
C ARG D 162 -3.61 15.41 -36.19
N PRO D 163 -3.44 16.73 -36.08
CA PRO D 163 -2.82 17.36 -34.88
C PRO D 163 -3.68 17.25 -33.59
N ARG D 164 -5.00 17.33 -33.72
CA ARG D 164 -5.89 17.36 -32.55
C ARG D 164 -7.23 16.69 -32.80
N SER D 165 -7.17 15.45 -33.29
CA SER D 165 -8.34 14.65 -33.53
C SER D 165 -8.18 13.30 -32.82
N PHE D 166 -9.30 12.76 -32.39
CA PHE D 166 -9.28 11.45 -31.79
C PHE D 166 -10.62 10.78 -31.97
N MET D 167 -10.64 9.48 -31.77
CA MET D 167 -11.87 8.71 -31.88
C MET D 167 -12.20 8.03 -30.56
N THR D 168 -13.46 7.60 -30.44
CA THR D 168 -13.90 6.81 -29.30
C THR D 168 -14.92 5.76 -29.72
N ILE D 169 -14.95 4.65 -29.00
CA ILE D 169 -15.85 3.53 -29.34
C ILE D 169 -17.19 3.72 -28.67
N CYS D 170 -18.28 3.60 -29.43
CA CYS D 170 -19.60 3.88 -28.88
C CYS D 170 -20.49 2.65 -28.73
N GLY D 171 -21.52 2.74 -27.90
CA GLY D 171 -22.41 1.60 -27.63
C GLY D 171 -23.23 1.13 -28.83
N ASP D 172 -23.24 1.94 -29.89
CA ASP D 172 -23.91 1.55 -31.14
C ASP D 172 -23.01 0.67 -32.02
N GLY D 173 -21.76 0.52 -31.62
CA GLY D 173 -20.82 -0.33 -32.34
C GLY D 173 -20.05 0.41 -33.41
N GLY D 174 -20.21 1.73 -33.42
CA GLY D 174 -19.46 2.58 -34.32
C GLY D 174 -18.43 3.41 -33.59
N LEU D 175 -17.75 4.25 -34.34
CA LEU D 175 -16.77 5.19 -33.80
C LEU D 175 -17.26 6.61 -33.92
N LEU D 176 -17.04 7.38 -32.88
CA LEU D 176 -17.23 8.83 -32.92
C LEU D 176 -15.90 9.52 -33.04
N THR D 177 -15.79 10.39 -34.02
CA THR D 177 -14.59 11.17 -34.22
C THR D 177 -14.79 12.60 -33.73
N ILE D 178 -13.79 13.12 -33.01
CA ILE D 178 -13.83 14.49 -32.48
C ILE D 178 -12.64 15.24 -33.01
N ASN D 179 -12.91 16.41 -33.62
CA ASN D 179 -11.86 17.29 -34.08
C ASN D 179 -11.87 18.56 -33.26
N LEU D 180 -10.79 18.81 -32.52
CA LEU D 180 -10.74 19.96 -31.62
C LEU D 180 -10.29 21.20 -32.35
N GLY D 181 -10.75 22.36 -31.89
CA GLY D 181 -10.17 23.63 -32.32
C GLY D 181 -8.93 23.97 -31.53
N GLU D 182 -8.27 25.07 -31.88
CA GLU D 182 -7.02 25.50 -31.23
C GLU D 182 -7.19 25.77 -29.73
N ASP D 183 -8.44 25.96 -29.31
CA ASP D 183 -8.73 26.22 -27.90
C ASP D 183 -9.15 24.96 -27.11
N GLY D 184 -9.19 23.83 -27.77
CA GLY D 184 -9.51 22.56 -27.12
C GLY D 184 -10.97 22.26 -27.04
N LYS D 185 -11.80 23.10 -27.67
CA LYS D 185 -13.25 22.84 -27.72
C LYS D 185 -13.56 22.05 -28.98
N VAL D 186 -14.72 21.42 -29.04
CA VAL D 186 -15.07 20.63 -30.22
C VAL D 186 -15.29 21.57 -31.39
N ALA D 187 -14.58 21.35 -32.49
CA ALA D 187 -14.77 22.14 -33.72
C ALA D 187 -15.71 21.41 -34.66
N SER D 188 -15.51 20.11 -34.82
CA SER D 188 -16.40 19.29 -35.61
C SER D 188 -16.35 17.87 -35.13
N GLN D 189 -17.27 17.06 -35.63
CA GLN D 189 -17.36 15.66 -35.24
C GLN D 189 -18.02 14.84 -36.34
N SER D 190 -17.85 13.53 -36.29
CA SER D 190 -18.55 12.63 -37.20
C SER D 190 -18.69 11.26 -36.57
N ARG D 191 -19.73 10.54 -36.99
CA ARG D 191 -19.96 9.18 -36.50
C ARG D 191 -19.97 8.21 -37.67
N SER D 192 -19.18 7.15 -37.53
CA SER D 192 -19.07 6.10 -38.56
C SER D 192 -20.33 5.25 -38.59
N LYS D 193 -20.43 4.41 -39.63
CA LYS D 193 -21.40 3.31 -39.65
C LYS D 193 -21.01 2.29 -38.59
N GLN D 194 -21.94 1.39 -38.25
CA GLN D 194 -21.61 0.31 -37.31
C GLN D 194 -20.39 -0.46 -37.80
N MET D 195 -19.40 -0.60 -36.94
CA MET D 195 -18.22 -1.40 -37.25
C MET D 195 -18.39 -2.87 -36.81
N PHE D 196 -18.84 -3.07 -35.57
CA PHE D 196 -19.01 -4.41 -35.00
C PHE D 196 -20.39 -4.56 -34.32
N SER D 197 -20.89 -5.80 -34.25
CA SER D 197 -22.08 -6.09 -33.47
C SER D 197 -21.71 -6.16 -32.01
N VAL D 198 -22.29 -5.26 -31.24
CA VAL D 198 -22.01 -5.21 -29.82
C VAL D 198 -22.47 -6.49 -29.14
N LYS D 199 -23.62 -7.01 -29.57
CA LYS D 199 -24.16 -8.26 -28.99
C LYS D 199 -23.39 -9.50 -29.45
N ASP D 200 -23.04 -9.56 -30.73
CA ASP D 200 -22.62 -10.81 -31.34
C ASP D 200 -21.11 -10.94 -31.51
N ASP D 201 -20.40 -9.81 -31.50
CA ASP D 201 -18.95 -9.86 -31.68
C ASP D 201 -18.22 -8.66 -31.03
N PRO D 202 -18.35 -8.51 -29.71
CA PRO D 202 -17.80 -7.32 -29.05
C PRO D 202 -16.32 -7.28 -29.22
N ILE D 203 -15.78 -6.09 -29.47
CA ILE D 203 -14.34 -5.91 -29.58
C ILE D 203 -13.70 -5.49 -28.25
N PHE D 204 -12.41 -5.81 -28.12
CA PHE D 204 -11.55 -5.25 -27.07
C PHE D 204 -11.30 -3.79 -27.45
N ILE D 205 -11.16 -2.93 -26.45
CA ILE D 205 -10.96 -1.51 -26.75
C ILE D 205 -9.55 -1.13 -27.21
N ALA D 206 -8.56 -1.96 -26.90
CA ALA D 206 -7.18 -1.63 -27.21
C ALA D 206 -6.98 -1.63 -28.74
N PRO D 207 -6.59 -0.48 -29.32
CA PRO D 207 -6.35 -0.43 -30.76
C PRO D 207 -4.97 -0.96 -31.11
N ALA D 208 -4.86 -1.59 -32.28
CA ALA D 208 -3.59 -1.75 -32.93
C ALA D 208 -3.51 -0.59 -33.91
N LEU D 209 -2.73 0.41 -33.53
CA LEU D 209 -2.86 1.76 -34.10
C LEU D 209 -1.78 2.07 -35.12
N ASP D 210 -2.23 2.34 -36.35
CA ASP D 210 -1.36 2.79 -37.41
C ASP D 210 -1.54 4.31 -37.55
N LYS D 211 -0.79 4.91 -38.48
CA LYS D 211 -0.84 6.35 -38.69
C LYS D 211 -2.21 6.84 -39.22
N ASP D 212 -2.84 6.06 -40.09
CA ASP D 212 -4.13 6.48 -40.67
C ASP D 212 -5.22 5.42 -40.57
N LYS D 213 -4.94 4.36 -39.81
CA LYS D 213 -5.96 3.35 -39.54
C LYS D 213 -5.71 2.68 -38.19
N ALA D 214 -6.73 1.98 -37.70
CA ALA D 214 -6.66 1.25 -36.45
C ALA D 214 -7.38 -0.08 -36.62
N HIS D 215 -6.82 -1.14 -36.02
CA HIS D 215 -7.43 -2.45 -36.03
C HIS D 215 -7.80 -2.83 -34.62
N PHE D 216 -8.88 -3.59 -34.48
CA PHE D 216 -9.38 -4.04 -33.20
C PHE D 216 -9.68 -5.51 -33.28
N VAL D 217 -9.36 -6.25 -32.22
CA VAL D 217 -9.73 -7.67 -32.15
C VAL D 217 -10.95 -7.91 -31.29
N SER D 218 -11.67 -8.99 -31.57
CA SER D 218 -12.92 -9.27 -30.90
C SER D 218 -12.79 -10.41 -29.92
N TYR D 219 -13.82 -10.58 -29.08
CA TYR D 219 -13.87 -11.68 -28.09
C TYR D 219 -13.73 -13.06 -28.77
N TYR D 220 -14.10 -13.13 -30.06
CA TYR D 220 -14.14 -14.42 -30.79
C TYR D 220 -13.02 -14.56 -31.82
N GLY D 221 -12.06 -13.64 -31.81
CA GLY D 221 -10.87 -13.76 -32.65
C GLY D 221 -10.98 -13.13 -34.02
N ASN D 222 -11.96 -12.25 -34.19
CA ASN D 222 -12.12 -11.50 -35.42
C ASN D 222 -11.40 -10.16 -35.36
N VAL D 223 -11.11 -9.60 -36.53
CA VAL D 223 -10.48 -8.32 -36.62
C VAL D 223 -11.39 -7.31 -37.32
N TYR D 224 -11.46 -6.10 -36.77
CA TYR D 224 -12.20 -5.00 -37.38
C TYR D 224 -11.26 -3.82 -37.63
N SER D 225 -11.57 -3.01 -38.63
CA SER D 225 -10.64 -1.98 -39.07
C SER D 225 -11.35 -0.65 -39.24
N ALA D 226 -10.67 0.42 -38.86
CA ALA D 226 -11.18 1.78 -39.01
C ALA D 226 -10.14 2.57 -39.77
N ASP D 227 -10.52 3.02 -40.96
CA ASP D 227 -9.60 3.79 -41.76
C ASP D 227 -9.98 5.26 -41.69
N PHE D 228 -9.06 6.08 -41.20
CA PHE D 228 -9.32 7.51 -41.05
C PHE D 228 -8.34 8.34 -41.89
N SER D 229 -7.96 7.80 -43.05
CA SER D 229 -7.17 8.57 -44.03
C SER D 229 -7.96 9.77 -44.56
N GLY D 230 -9.29 9.65 -44.61
CA GLY D 230 -10.16 10.76 -45.00
C GLY D 230 -10.81 11.39 -43.78
N ASP D 231 -11.67 12.39 -44.03
CA ASP D 231 -12.38 13.07 -42.95
C ASP D 231 -13.48 12.20 -42.34
N GLU D 232 -14.09 11.34 -43.16
CA GLU D 232 -15.03 10.37 -42.67
C GLU D 232 -14.34 9.02 -42.45
N VAL D 233 -14.58 8.41 -41.29
CA VAL D 233 -13.98 7.12 -40.99
C VAL D 233 -14.74 6.00 -41.71
N LYS D 234 -14.01 5.18 -42.46
CA LYS D 234 -14.61 4.02 -43.11
C LYS D 234 -14.27 2.75 -42.34
N VAL D 235 -15.30 1.96 -42.06
CA VAL D 235 -15.14 0.78 -41.18
C VAL D 235 -15.34 -0.51 -41.96
N ASP D 236 -14.57 -1.54 -41.60
CA ASP D 236 -14.70 -2.85 -42.21
C ASP D 236 -14.40 -3.99 -41.24
N GLY D 237 -14.56 -5.22 -41.73
CA GLY D 237 -14.41 -6.42 -40.94
C GLY D 237 -15.74 -7.11 -40.73
N PRO D 238 -15.69 -8.39 -40.35
CA PRO D 238 -14.49 -8.96 -39.75
C PRO D 238 -13.66 -9.77 -40.74
N TRP D 239 -12.37 -9.94 -40.45
CA TRP D 239 -11.65 -11.15 -40.85
C TRP D 239 -11.22 -11.92 -39.62
N SER D 240 -10.98 -13.22 -39.78
CA SER D 240 -10.60 -14.08 -38.65
C SER D 240 -9.09 -14.16 -38.45
N LEU D 241 -8.66 -14.11 -37.19
CA LEU D 241 -7.27 -14.40 -36.82
C LEU D 241 -6.98 -15.90 -36.93
N LEU D 242 -8.05 -16.68 -37.07
CA LEU D 242 -8.04 -18.12 -36.82
C LEU D 242 -8.08 -18.94 -38.13
N ASN D 243 -7.15 -19.88 -38.28
CA ASN D 243 -7.29 -20.91 -39.31
C ASN D 243 -8.16 -22.06 -38.78
N ASP D 244 -8.37 -23.11 -39.58
CA ASP D 244 -9.26 -24.22 -39.19
C ASP D 244 -8.75 -24.94 -37.94
N GLU D 245 -7.45 -25.16 -37.89
CA GLU D 245 -6.82 -25.78 -36.73
C GLU D 245 -7.04 -24.92 -35.48
N ASP D 246 -6.82 -23.61 -35.62
CA ASP D 246 -7.02 -22.66 -34.52
C ASP D 246 -8.45 -22.75 -34.00
N LYS D 247 -9.41 -22.66 -34.93
CA LYS D 247 -10.81 -22.73 -34.57
C LYS D 247 -11.12 -24.05 -33.86
N ALA D 248 -10.53 -25.15 -34.36
CA ALA D 248 -10.74 -26.44 -33.74
C ALA D 248 -10.32 -26.48 -32.26
N LYS D 249 -9.26 -25.75 -31.93
CA LYS D 249 -8.76 -25.69 -30.52
C LYS D 249 -9.30 -24.47 -29.74
N ASN D 250 -10.24 -23.74 -30.35
CA ASN D 250 -10.95 -22.62 -29.72
C ASN D 250 -10.05 -21.50 -29.24
N TRP D 251 -9.01 -21.19 -30.02
CA TRP D 251 -8.16 -20.06 -29.72
C TRP D 251 -8.93 -18.73 -29.84
N VAL D 252 -8.77 -17.86 -28.83
CA VAL D 252 -9.35 -16.51 -28.85
C VAL D 252 -8.34 -15.55 -28.21
N PRO D 253 -8.47 -14.23 -28.44
CA PRO D 253 -7.60 -13.26 -27.75
C PRO D 253 -7.94 -13.15 -26.27
N GLY D 254 -6.97 -12.72 -25.46
CA GLY D 254 -7.27 -12.41 -24.06
C GLY D 254 -6.21 -11.49 -23.55
N GLY D 255 -6.62 -10.58 -22.65
CA GLY D 255 -5.69 -9.67 -21.99
C GLY D 255 -6.33 -8.32 -21.78
N TYR D 256 -5.49 -7.31 -21.57
CA TYR D 256 -5.93 -5.95 -21.30
C TYR D 256 -5.42 -5.03 -22.40
N ASN D 257 -4.20 -4.52 -22.27
CA ASN D 257 -3.55 -3.82 -23.41
C ASN D 257 -2.94 -4.89 -24.33
N LEU D 258 -3.83 -5.60 -25.03
CA LEU D 258 -3.49 -6.95 -25.50
C LEU D 258 -3.04 -7.01 -26.96
N VAL D 259 -3.06 -5.88 -27.66
CA VAL D 259 -2.59 -5.83 -29.05
C VAL D 259 -1.57 -4.72 -29.29
N GLY D 260 -0.84 -4.84 -30.38
CA GLY D 260 0.18 -3.90 -30.75
C GLY D 260 0.29 -3.96 -32.25
N LEU D 261 0.77 -2.87 -32.85
CA LEU D 261 1.03 -2.84 -34.29
C LEU D 261 2.42 -2.32 -34.53
N HIS D 262 3.18 -3.07 -35.32
CA HIS D 262 4.44 -2.59 -35.83
C HIS D 262 4.14 -1.89 -37.17
N ARG D 263 4.23 -0.57 -37.18
CA ARG D 263 3.68 0.24 -38.28
C ARG D 263 4.39 0.00 -39.62
N ALA D 264 5.72 -0.01 -39.59
CA ALA D 264 6.53 -0.17 -40.81
C ALA D 264 6.29 -1.48 -41.56
N SER D 265 6.00 -2.55 -40.83
CA SER D 265 5.81 -3.87 -41.45
C SER D 265 4.35 -4.25 -41.57
N GLY D 266 3.49 -3.61 -40.77
CA GLY D 266 2.09 -3.95 -40.72
C GLY D 266 1.78 -5.20 -39.89
N ARG D 267 2.79 -5.67 -39.16
CA ARG D 267 2.60 -6.79 -38.26
C ARG D 267 1.77 -6.41 -37.02
N MET D 268 0.72 -7.16 -36.75
CA MET D 268 -0.06 -6.96 -35.55
C MET D 268 0.24 -8.07 -34.54
N TYR D 269 0.38 -7.69 -33.27
CA TYR D 269 0.72 -8.62 -32.18
C TYR D 269 -0.48 -8.77 -31.28
N VAL D 270 -0.79 -10.02 -30.89
CA VAL D 270 -2.00 -10.27 -30.15
C VAL D 270 -1.77 -11.40 -29.17
N PHE D 271 -2.13 -11.19 -27.90
CA PHE D 271 -2.19 -12.29 -26.94
C PHE D 271 -3.36 -13.24 -27.18
N MET D 272 -3.06 -14.54 -27.21
CA MET D 272 -4.04 -15.56 -27.52
C MET D 272 -3.93 -16.72 -26.53
N HIS D 273 -5.06 -17.38 -26.29
CA HIS D 273 -5.11 -18.58 -25.46
C HIS D 273 -6.11 -19.58 -26.05
N PRO D 274 -5.88 -20.88 -25.85
CA PRO D 274 -6.82 -21.92 -26.31
C PRO D 274 -8.03 -22.08 -25.41
N ASP D 275 -8.97 -22.93 -25.82
CA ASP D 275 -10.12 -23.32 -25.01
C ASP D 275 -10.96 -22.12 -24.58
N GLY D 276 -11.14 -21.19 -25.51
CA GLY D 276 -11.94 -19.99 -25.28
C GLY D 276 -13.40 -20.29 -25.09
N LYS D 277 -14.05 -19.51 -24.24
CA LYS D 277 -15.49 -19.60 -23.99
C LYS D 277 -15.90 -18.32 -23.23
N GLU D 278 -17.19 -18.18 -22.96
CA GLU D 278 -17.67 -17.00 -22.27
C GLU D 278 -16.91 -16.85 -20.95
N GLY D 279 -16.26 -15.69 -20.76
CA GLY D 279 -15.56 -15.40 -19.50
C GLY D 279 -14.04 -15.53 -19.55
N THR D 280 -13.47 -15.80 -20.71
CA THR D 280 -12.01 -15.98 -20.78
C THR D 280 -11.26 -14.81 -21.44
N HIS D 281 -11.95 -13.68 -21.65
CA HIS D 281 -11.36 -12.61 -22.45
C HIS D 281 -10.24 -11.83 -21.79
N LYS D 282 -10.08 -12.03 -20.48
CA LYS D 282 -8.98 -11.42 -19.74
C LYS D 282 -7.93 -12.46 -19.26
N PHE D 283 -7.99 -13.68 -19.82
CA PHE D 283 -7.00 -14.72 -19.48
C PHE D 283 -5.61 -14.34 -19.97
N PRO D 284 -4.59 -14.71 -19.19
CA PRO D 284 -3.19 -14.56 -19.61
C PRO D 284 -2.87 -15.23 -20.97
N ALA D 285 -1.91 -14.68 -21.69
CA ALA D 285 -1.47 -15.25 -22.98
C ALA D 285 -0.82 -16.63 -22.82
N ALA D 286 -1.39 -17.62 -23.49
CA ALA D 286 -0.65 -18.86 -23.78
C ALA D 286 0.42 -18.60 -24.82
N GLU D 287 0.07 -17.78 -25.82
CA GLU D 287 0.97 -17.44 -26.90
C GLU D 287 0.79 -15.99 -27.32
N ILE D 288 1.81 -15.46 -27.98
CA ILE D 288 1.70 -14.23 -28.75
C ILE D 288 1.69 -14.61 -30.24
N TRP D 289 0.67 -14.19 -30.94
CA TRP D 289 0.60 -14.37 -32.40
C TRP D 289 1.00 -13.08 -33.11
N VAL D 290 1.74 -13.23 -34.21
CA VAL D 290 2.15 -12.11 -35.04
C VAL D 290 1.44 -12.24 -36.39
N MET D 291 0.62 -11.25 -36.72
CA MET D 291 -0.26 -11.30 -37.89
C MET D 291 0.21 -10.30 -38.94
N ASP D 292 0.22 -10.73 -40.20
CA ASP D 292 0.42 -9.82 -41.31
C ASP D 292 -0.94 -9.22 -41.68
N THR D 293 -1.14 -7.94 -41.40
CA THR D 293 -2.46 -7.33 -41.62
C THR D 293 -2.72 -7.06 -43.12
N LYS D 294 -1.65 -7.10 -43.92
CA LYS D 294 -1.81 -7.00 -45.38
C LYS D 294 -2.29 -8.33 -45.99
N THR D 295 -1.60 -9.43 -45.68
CA THR D 295 -2.03 -10.75 -46.18
C THR D 295 -3.12 -11.40 -45.32
N LYS D 296 -3.33 -10.87 -44.12
CA LYS D 296 -4.34 -11.41 -43.18
C LYS D 296 -4.03 -12.86 -42.74
N GLN D 297 -2.74 -13.17 -42.66
CA GLN D 297 -2.26 -14.48 -42.23
C GLN D 297 -1.35 -14.31 -41.04
N ARG D 298 -1.35 -15.32 -40.17
CA ARG D 298 -0.36 -15.41 -39.10
C ARG D 298 1.03 -15.72 -39.65
N VAL D 299 2.05 -15.00 -39.17
CA VAL D 299 3.43 -15.23 -39.64
C VAL D 299 4.36 -15.76 -38.53
N ALA D 300 3.92 -15.69 -37.28
CA ALA D 300 4.67 -16.25 -36.15
C ALA D 300 3.78 -16.52 -34.95
N ARG D 301 4.21 -17.46 -34.12
CA ARG D 301 3.59 -17.72 -32.82
C ARG D 301 4.69 -18.13 -31.85
N ILE D 302 4.61 -17.60 -30.63
CA ILE D 302 5.63 -17.87 -29.60
C ILE D 302 4.97 -17.95 -28.24
N PRO D 303 5.65 -18.55 -27.25
CA PRO D 303 5.08 -18.67 -25.90
C PRO D 303 4.68 -17.29 -25.31
N GLY D 304 3.55 -17.27 -24.61
CA GLY D 304 2.99 -16.02 -24.05
C GLY D 304 3.59 -15.52 -22.76
N ARG D 305 4.26 -16.41 -22.01
CA ARG D 305 4.80 -16.08 -20.68
C ARG D 305 3.74 -15.45 -19.78
N ASP D 306 2.50 -15.92 -19.96
CA ASP D 306 1.36 -15.47 -19.17
C ASP D 306 1.15 -13.96 -19.23
N ALA D 307 1.57 -13.35 -20.33
CA ALA D 307 1.43 -11.89 -20.47
C ALA D 307 -0.02 -11.42 -20.60
N LEU D 308 -0.28 -10.20 -20.10
CA LEU D 308 -1.61 -9.60 -20.11
C LEU D 308 -1.66 -8.30 -20.91
N SER D 309 -0.55 -7.57 -20.92
CA SER D 309 -0.44 -6.27 -21.60
C SER D 309 0.89 -6.14 -22.33
N MET D 310 0.89 -5.29 -23.38
CA MET D 310 2.07 -5.05 -24.16
C MET D 310 2.18 -3.58 -24.58
N THR D 311 3.32 -3.23 -25.15
CA THR D 311 3.49 -1.97 -25.88
C THR D 311 4.61 -2.13 -26.89
N ILE D 312 4.55 -1.34 -27.96
CA ILE D 312 5.48 -1.45 -29.07
C ILE D 312 6.27 -0.16 -29.21
N ASP D 313 7.55 -0.27 -29.48
CA ASP D 313 8.35 0.89 -29.84
C ASP D 313 8.68 0.86 -31.32
N GLN D 314 8.12 1.81 -32.07
CA GLN D 314 8.30 1.86 -33.53
C GLN D 314 9.76 2.19 -33.85
N GLN D 315 10.37 3.01 -32.99
CA GLN D 315 11.69 3.56 -33.26
C GLN D 315 12.83 2.59 -33.04
N ARG D 316 12.66 1.64 -32.11
CA ARG D 316 13.71 0.65 -31.83
C ARG D 316 13.31 -0.78 -32.21
N ASN D 317 12.10 -0.94 -32.76
CA ASN D 317 11.55 -2.24 -33.17
C ASN D 317 11.51 -3.24 -32.01
N LEU D 318 10.88 -2.80 -30.93
CA LEU D 318 10.78 -3.59 -29.69
C LEU D 318 9.33 -3.79 -29.28
N MET D 319 9.09 -4.86 -28.53
CA MET D 319 7.83 -5.06 -27.87
C MET D 319 8.14 -5.40 -26.42
N LEU D 320 7.39 -4.77 -25.51
CA LEU D 320 7.40 -5.20 -24.10
C LEU D 320 6.14 -5.94 -23.81
N THR D 321 6.23 -6.97 -22.96
CA THR D 321 5.02 -7.60 -22.45
C THR D 321 5.10 -7.64 -20.93
N LEU D 322 3.94 -7.79 -20.32
CA LEU D 322 3.84 -7.63 -18.88
C LEU D 322 2.78 -8.58 -18.36
N ASP D 323 3.15 -9.37 -17.34
CA ASP D 323 2.26 -10.41 -16.79
C ASP D 323 1.60 -9.98 -15.47
N GLY D 324 1.80 -8.72 -15.10
CA GLY D 324 1.27 -8.16 -13.85
C GLY D 324 2.40 -7.76 -12.92
N GLY D 325 3.51 -8.48 -12.99
CA GLY D 325 4.65 -8.23 -12.10
C GLY D 325 5.99 -8.16 -12.81
N ASN D 326 6.10 -8.86 -13.96
CA ASN D 326 7.38 -9.00 -14.67
C ASN D 326 7.26 -8.46 -16.09
N VAL D 327 8.33 -7.86 -16.58
CA VAL D 327 8.33 -7.24 -17.91
C VAL D 327 9.29 -8.02 -18.81
N ASN D 328 8.81 -8.45 -19.98
CA ASN D 328 9.64 -9.12 -20.97
C ASN D 328 9.95 -8.18 -22.11
N VAL D 329 11.20 -8.19 -22.56
CA VAL D 329 11.70 -7.31 -23.65
C VAL D 329 11.99 -8.17 -24.89
N TYR D 330 11.30 -7.86 -25.99
CA TYR D 330 11.45 -8.60 -27.28
C TYR D 330 11.95 -7.70 -28.39
N ASP D 331 12.85 -8.24 -29.20
CA ASP D 331 13.24 -7.67 -30.48
C ASP D 331 12.24 -8.13 -31.52
N ILE D 332 11.56 -7.16 -32.17
CA ILE D 332 10.54 -7.50 -33.19
C ILE D 332 10.91 -6.99 -34.59
N SER D 333 12.20 -6.82 -34.82
CA SER D 333 12.73 -6.41 -36.13
C SER D 333 12.55 -7.47 -37.23
N GLN D 334 12.36 -8.73 -36.84
CA GLN D 334 11.97 -9.81 -37.74
C GLN D 334 10.57 -10.33 -37.39
N PRO D 335 9.91 -11.02 -38.32
CA PRO D 335 8.58 -11.59 -38.07
C PRO D 335 8.47 -12.40 -36.78
N GLU D 336 9.48 -13.20 -36.47
CA GLU D 336 9.49 -13.91 -35.20
C GLU D 336 10.19 -13.08 -34.12
N PRO D 337 9.47 -12.76 -33.05
CA PRO D 337 10.03 -12.00 -31.95
C PRO D 337 11.12 -12.81 -31.26
N LYS D 338 12.14 -12.12 -30.76
CA LYS D 338 13.21 -12.75 -29.99
C LYS D 338 13.25 -12.15 -28.59
N LEU D 339 13.21 -13.03 -27.59
CA LEU D 339 13.20 -12.60 -26.19
C LEU D 339 14.59 -12.15 -25.78
N LEU D 340 14.69 -10.90 -25.35
CA LEU D 340 15.98 -10.33 -24.97
C LEU D 340 16.27 -10.46 -23.47
N ARG D 341 15.27 -10.21 -22.64
CA ARG D 341 15.43 -10.38 -21.20
C ARG D 341 14.10 -10.17 -20.48
N THR D 342 14.10 -10.55 -19.20
CA THR D 342 12.94 -10.35 -18.34
C THR D 342 13.39 -9.57 -17.13
N ILE D 343 12.58 -8.56 -16.76
CA ILE D 343 12.76 -7.80 -15.54
C ILE D 343 11.75 -8.33 -14.53
N GLU D 344 12.26 -9.04 -13.52
CA GLU D 344 11.43 -9.63 -12.48
C GLU D 344 11.11 -8.62 -11.41
N GLY D 345 9.85 -8.63 -10.96
CA GLY D 345 9.43 -7.82 -9.80
C GLY D 345 9.42 -6.34 -10.13
N ALA D 346 9.02 -5.99 -11.36
CA ALA D 346 8.96 -4.60 -11.79
C ALA D 346 7.75 -3.88 -11.18
N ALA D 347 6.80 -4.67 -10.72
CA ALA D 347 5.58 -4.14 -10.12
C ALA D 347 4.91 -5.22 -9.30
N GLU D 348 3.99 -4.82 -8.45
CA GLU D 348 3.14 -5.78 -7.74
C GLU D 348 1.85 -6.04 -8.50
N ALA D 349 1.30 -5.03 -9.16
CA ALA D 349 0.04 -5.19 -9.87
C ALA D 349 -0.05 -4.17 -10.99
N SER D 350 0.64 -4.45 -12.09
CA SER D 350 0.64 -3.53 -13.23
C SER D 350 0.01 -4.18 -14.43
N LEU D 351 -0.81 -3.40 -15.13
CA LEU D 351 -1.41 -3.83 -16.40
C LEU D 351 -0.99 -2.89 -17.55
N GLN D 352 0.04 -2.05 -17.32
CA GLN D 352 0.46 -1.10 -18.32
C GLN D 352 1.93 -0.76 -18.24
N VAL D 353 2.64 -0.96 -19.34
CA VAL D 353 4.01 -0.48 -19.49
C VAL D 353 4.14 0.39 -20.78
N GLN D 354 4.99 1.40 -20.72
CA GLN D 354 5.17 2.33 -21.84
C GLN D 354 6.64 2.70 -21.96
N PHE D 355 7.15 2.82 -23.19
CA PHE D 355 8.49 3.40 -23.39
C PHE D 355 8.54 4.92 -23.19
N HIS D 356 9.70 5.44 -22.78
CA HIS D 356 9.99 6.86 -22.94
C HIS D 356 10.07 7.15 -24.44
N PRO D 357 9.33 8.13 -24.95
CA PRO D 357 9.31 8.43 -26.38
C PRO D 357 10.68 8.84 -26.89
N VAL D 358 11.03 8.25 -28.02
CA VAL D 358 12.15 8.67 -28.80
C VAL D 358 11.58 9.07 -30.17
N GLY D 359 11.89 10.27 -30.57
CA GLY D 359 11.52 10.72 -31.91
C GLY D 359 10.02 10.84 -32.01
N GLY D 360 9.44 10.30 -33.09
CA GLY D 360 7.99 10.21 -33.25
C GLY D 360 7.34 11.34 -34.05
N THR D 361 8.09 12.39 -34.36
CA THR D 361 7.59 13.49 -35.20
C THR D 361 7.07 12.97 -36.55
#